data_3DEG
#
_entry.id   3DEG
#
_cell.length_a   1.000
_cell.length_b   1.000
_cell.length_c   1.000
_cell.angle_alpha   90.00
_cell.angle_beta   90.00
_cell.angle_gamma   90.00
#
_symmetry.space_group_name_H-M   'P 1'
#
loop_
_entity.id
_entity.type
_entity.pdbx_description
1 polymer A/L-tRNA
2 polymer P-tRNA
3 polymer '30S RNA helix 8'
4 polymer '30S RNA helix 14'
5 polymer '50S RNA helix 42-44'
6 polymer '50S RNA helix 95'
7 polymer '50S RNA helix 71'
8 polymer '50S RNA helix 92'
9 polymer 'GTP-binding protein lepA'
10 polymer '30S ribosomal protein S12'
11 polymer '50S ribosomal protein L11'
#
loop_
_entity_poly.entity_id
_entity_poly.type
_entity_poly.pdbx_seq_one_letter_code
_entity_poly.pdbx_strand_id
1 'polyribonucleotide'
;GCGGAUUUA(2MG)CUCAG(H2U)(H2U)GGGAGAGC(M2G)CCAGA(OMC)U(OMG)AA(YG)A(PSU)(5MC)UGGAG
(7MG)UC(5MC)UGUG(5MU)(PSU)CG(1MA)UCCACAGAAUUCGCACCA
;
A
2 'polyribonucleotide'
;CGCGGGGUGGAGCAGCCUGGUAGCUCGUCGGGCUCAUAACCCGAAGGUCGUCGG(5MU)UCAAAUCCGGCCCCCGCAACC
A
;
B
3 'polyribonucleotide' CUACUGGAAACGGUAG E
4 'polyribonucleotide' CUCCUACGGGAG F
5 'polyribonucleotide' CCCAGACAGCCAGGAUGUUGGCUUAGAAGCAGCCAUCAUUUAAAGAAAGCGUAAUAGCUCACUGGUCGAG G
6 'polyribonucleotide' CUGCUCCUAGUACGAGAGGACCGGAGUGG I
7 'polyribonucleotide' UGUCGGGUAAGUUCCGAC J
8 'polyribonucleotide' AUGGCUGUUCGCCAU K
9 'polypeptide(L)'
;MKNIRNFSIIAHIDHGKSTLSDRIIQICGGLSDREMEAQVLDSMDLERERGITIKAQSVTLDYKASDGETYQLNFIDTPG
HVDFSYEVSRSLAACEGALLVVDAGQGVEAQTLANCYTAMEMDLEVVPVLNKIDLPAADPERVAEEIEDIVGIDATDAVR
CSAKTGVGVQDVLERLVRDIPPPEGDPEGPLQALIIDSWFDNYLGVVSLIRIKNGTLRKGDKVKVMSTGQTYNADRLGIF
TPKQVDRTELKCGEVGWLVCAIKDIHGAPVGDTLTLARNPAEKALPGFKKVKPQVYAGLFPVSSDDYEAFRDALGKLSLN
DASLFYEPESSSALGFGFRCGFLGLLHMEIIQERLEREYDLDLITTAPTVVYEVETTSREVIYVDSPSKLPAVNNIYELR
EPIAECHMLLPQAYLGNVITLCVEKRGVQTNMVYHGNQVALTYEIPMAEVVLDFFDRLKSTSRGYASLDYNFKRFQASDM
VRVDVLINGERVDALALITHRDNSQNRGRELVEKMKDLIPRQQFDIAIQAAIGTHIIARSTVKQL
;
C
10 'polypeptide(L)'
;ATVNQLVRKPRARKVAKSNVPALEACPQKRGVCTRVYTTTPKKPNSALRKVCRVRLTNGFEVTSYIGGEGHNLQEHSVIL
IRGGRVKDLPGVRYHTVRGALDCSGVKDRKQARSKYGVKRPKA
;
D
11 'polypeptide(L)'
;AKKVQAYVKLQVAAGMANPSPPVGPALGQQGVNIMEFCKAFNAKTDSIEKGLPIPVVITVYADRSFTFVTKTPPAAVLLK
KAAGIKSGSGKPNKDKVGKISRAQLQEIAQTKAADMTGADIEAMTRSIEGTARSMGLVVED
;
H
#
# COMPACT_ATOMS: atom_id res chain seq x y z
N MET I 1 11.37 36.01 11.15
CA MET I 1 11.75 34.58 10.96
C MET I 1 12.41 34.00 12.21
N LYS I 2 13.29 34.79 12.82
CA LYS I 2 13.99 34.40 14.05
C LYS I 2 13.03 34.02 15.18
N ASN I 3 11.80 34.53 15.12
CA ASN I 3 10.80 34.28 16.14
C ASN I 3 9.69 33.29 15.76
N ILE I 4 9.80 32.68 14.58
CA ILE I 4 8.84 31.67 14.15
C ILE I 4 9.32 30.29 14.59
N ARG I 5 8.38 29.43 15.02
CA ARG I 5 8.67 28.05 15.39
C ARG I 5 7.65 27.09 14.77
N ASN I 6 8.08 26.37 13.74
CA ASN I 6 7.24 25.39 13.08
C ASN I 6 7.52 24.00 13.63
N PHE I 7 6.47 23.29 14.01
CA PHE I 7 6.61 21.96 14.60
C PHE I 7 5.33 21.16 14.45
N SER I 8 5.43 19.85 14.62
CA SER I 8 4.25 18.99 14.65
C SER I 8 4.25 18.10 15.88
N ILE I 9 3.07 17.56 16.21
CA ILE I 9 2.89 16.78 17.41
C ILE I 9 2.65 15.30 17.09
N ILE I 10 3.59 14.47 17.51
CA ILE I 10 3.46 13.01 17.43
C ILE I 10 2.97 12.46 18.76
N ALA I 11 1.74 11.94 18.76
CA ALA I 11 1.10 11.44 19.97
C ALA I 11 0.12 10.31 19.66
N HIS I 12 -0.36 9.62 20.70
CA HIS I 12 -1.31 8.53 20.55
C HIS I 12 -2.70 8.86 21.10
N ILE I 13 -2.96 9.19 22.34
CA ILE I 13 -3.93 8.36 22.97
C ILE I 13 -5.37 8.25 23.34
N ASP I 14 -5.73 8.82 24.38
CA ASP I 14 -4.97 9.77 23.82
C ASP I 14 -3.92 9.90 25.08
N HIS I 15 -2.70 10.26 24.71
CA HIS I 15 -1.45 10.55 25.26
C HIS I 15 -1.34 11.88 25.90
N GLY I 16 -2.22 12.76 25.41
CA GLY I 16 -2.38 14.09 25.80
C GLY I 16 -1.43 14.93 24.93
N LYS I 17 -1.16 14.65 23.63
CA LYS I 17 -0.64 15.58 22.59
C LYS I 17 -1.51 16.54 21.84
N SER I 18 -2.84 16.32 21.78
CA SER I 18 -3.87 16.82 20.90
C SER I 18 -4.84 17.32 21.90
N THR I 19 -5.04 16.61 22.98
CA THR I 19 -5.10 17.39 24.18
C THR I 19 -3.73 17.95 24.52
N LEU I 20 -2.51 17.45 24.16
CA LEU I 20 -1.60 18.60 24.36
C LEU I 20 -1.91 19.72 23.37
N SER I 21 -2.24 19.32 22.13
CA SER I 21 -2.64 20.24 21.09
C SER I 21 -3.66 21.28 21.60
N ASP I 22 -4.68 20.80 22.29
CA ASP I 22 -5.73 21.66 22.86
C ASP I 22 -5.22 22.61 23.95
N ARG I 23 -4.50 22.06 24.93
CA ARG I 23 -3.99 22.87 26.05
C ARG I 23 -3.04 23.99 25.63
N ILE I 24 -2.24 23.73 24.58
CA ILE I 24 -1.36 24.76 24.01
C ILE I 24 -2.19 25.95 23.52
N ILE I 25 -3.27 25.68 22.80
CA ILE I 25 -4.19 26.73 22.32
C ILE I 25 -4.73 27.58 23.48
N GLN I 26 -5.12 26.94 24.58
CA GLN I 26 -5.67 27.63 25.75
C GLN I 26 -4.70 28.63 26.36
N ILE I 27 -3.42 28.26 26.47
CA ILE I 27 -2.43 29.13 27.07
C ILE I 27 -1.91 30.22 26.11
N CYS I 28 -2.28 30.10 24.84
CA CYS I 28 -1.93 31.10 23.84
C CYS I 28 -3.19 31.86 23.39
N GLY I 29 -3.52 31.78 22.09
CA GLY I 29 -4.71 32.43 21.53
C GLY I 29 -6.01 32.24 22.31
N GLY I 30 -6.21 30.92 22.48
CA GLY I 30 -7.38 30.63 23.23
C GLY I 30 -8.18 29.68 22.43
N LEU I 31 -8.86 30.24 21.41
CA LEU I 31 -9.02 31.68 21.21
C LEU I 31 -9.77 32.15 22.40
N SER I 32 -10.75 31.32 22.74
CA SER I 32 -11.52 31.34 23.92
C SER I 32 -11.28 30.01 24.46
N ASP I 33 -12.38 29.32 24.54
CA ASP I 33 -12.68 28.18 25.35
C ASP I 33 -11.86 27.04 24.83
N ARG I 34 -11.16 26.28 25.71
CA ARG I 34 -10.44 25.16 25.19
C ARG I 34 -11.43 24.05 25.03
N GLU I 35 -11.37 23.35 23.88
CA GLU I 35 -12.29 22.31 23.54
C GLU I 35 -11.84 21.03 24.15
N MET I 36 -12.70 20.00 24.03
CA MET I 36 -12.44 18.70 24.56
C MET I 36 -12.61 17.73 23.44
N GLU I 37 -11.96 16.56 23.55
CA GLU I 37 -12.05 15.53 22.55
C GLU I 37 -13.48 15.09 22.50
N ALA I 38 -14.15 15.05 23.66
CA ALA I 38 -15.52 14.65 23.67
C ALA I 38 -16.24 15.63 22.81
N GLN I 39 -15.90 16.92 22.97
CA GLN I 39 -16.45 17.96 22.16
C GLN I 39 -15.84 17.76 20.81
N VAL I 40 -16.40 18.39 19.76
CA VAL I 40 -15.80 18.18 18.47
C VAL I 40 -14.63 19.11 18.39
N LEU I 41 -13.49 18.66 18.97
CA LEU I 41 -12.26 19.39 19.03
C LEU I 41 -11.65 19.56 17.66
N ASP I 42 -11.46 18.42 16.92
CA ASP I 42 -11.03 18.27 15.54
C ASP I 42 -12.27 18.62 14.79
N SER I 43 -12.14 19.29 13.62
CA SER I 43 -13.27 19.81 12.89
C SER I 43 -14.10 18.81 12.14
N MET I 44 -13.48 17.90 11.35
CA MET I 44 -14.23 17.06 10.46
C MET I 44 -15.05 16.05 11.19
N ASP I 45 -16.10 15.57 10.49
CA ASP I 45 -17.06 14.63 11.02
C ASP I 45 -16.37 13.33 11.30
N LEU I 46 -15.40 12.96 10.44
CA LEU I 46 -14.70 11.71 10.53
C LEU I 46 -13.99 11.69 11.86
N GLU I 47 -13.29 12.79 12.17
CA GLU I 47 -12.53 12.90 13.37
C GLU I 47 -13.45 12.85 14.54
N ARG I 48 -14.63 13.49 14.40
CA ARG I 48 -15.57 13.59 15.47
C ARG I 48 -16.03 12.22 15.89
N GLU I 49 -16.46 11.40 14.91
CA GLU I 49 -17.05 10.14 15.26
C GLU I 49 -16.03 9.24 15.88
N ARG I 50 -14.85 9.13 15.25
CA ARG I 50 -13.82 8.25 15.72
C ARG I 50 -13.30 8.77 17.02
N GLY I 51 -13.28 10.10 17.18
CA GLY I 51 -12.75 10.64 18.41
C GLY I 51 -11.27 10.61 18.26
N ILE I 52 -10.79 10.65 17.01
CA ILE I 52 -9.39 10.62 16.71
C ILE I 52 -9.10 11.70 15.72
N THR I 53 -7.86 12.20 15.65
CA THR I 53 -7.64 12.99 14.51
C THR I 53 -7.35 11.93 13.53
N ILE I 54 -8.04 12.07 12.38
CA ILE I 54 -7.60 11.62 11.08
C ILE I 54 -6.53 12.57 10.49
N LYS I 55 -6.90 13.86 10.53
CA LYS I 55 -6.01 14.92 10.12
C LYS I 55 -6.60 16.23 10.69
N ALA I 56 -5.85 17.21 11.20
CA ALA I 56 -6.58 18.36 11.71
C ALA I 56 -6.14 19.42 10.88
N GLN I 57 -6.49 20.55 11.52
CA GLN I 57 -6.52 21.77 10.80
C GLN I 57 -5.20 22.37 10.59
N SER I 58 -4.41 22.39 11.64
CA SER I 58 -3.18 23.15 11.93
C SER I 58 -3.52 24.51 12.55
N VAL I 59 -2.60 25.04 13.35
CA VAL I 59 -2.88 26.24 14.14
C VAL I 59 -1.69 27.19 14.18
N THR I 60 -1.97 28.49 14.09
CA THR I 60 -0.97 29.53 14.26
C THR I 60 -1.28 30.34 15.54
N LEU I 61 -0.31 30.40 16.44
CA LEU I 61 -0.48 31.12 17.71
C LEU I 61 0.67 32.09 17.97
N ASP I 62 0.44 33.00 18.91
CA ASP I 62 1.46 33.93 19.38
C ASP I 62 1.76 33.67 20.84
N TYR I 63 3.03 33.41 21.16
CA TYR I 63 3.42 33.16 22.54
C TYR I 63 4.52 34.10 23.01
N LYS I 64 4.20 34.92 24.02
CA LYS I 64 5.19 35.72 24.72
C LYS I 64 6.01 34.81 25.63
N ALA I 65 7.32 34.77 25.39
CA ALA I 65 8.21 33.91 26.17
C ALA I 65 8.73 34.65 27.39
N SER I 66 9.43 33.91 28.27
CA SER I 66 10.01 34.48 29.48
C SER I 66 11.09 35.52 29.20
N ASP I 67 11.65 35.51 27.99
CA ASP I 67 12.63 36.50 27.56
C ASP I 67 11.96 37.82 27.17
N GLY I 68 10.63 37.82 27.16
CA GLY I 68 9.84 39.02 26.87
C GLY I 68 9.50 39.21 25.40
N GLU I 69 9.79 38.20 24.59
CA GLU I 69 9.60 38.33 23.14
C GLU I 69 8.42 37.49 22.66
N THR I 70 7.86 37.87 21.50
CA THR I 70 6.68 37.17 20.97
C THR I 70 7.06 36.20 19.83
N TYR I 71 6.66 34.95 20.00
CA TYR I 71 6.98 33.89 19.05
C TYR I 71 5.74 33.39 18.31
N GLN I 72 5.82 33.42 16.99
CA GLN I 72 4.78 32.86 16.16
C GLN I 72 4.96 31.35 16.13
N LEU I 73 4.06 30.64 16.80
CA LEU I 73 4.08 29.19 16.79
C LEU I 73 3.12 28.69 15.73
N ASN I 74 3.67 28.00 14.75
CA ASN I 74 2.87 27.37 13.70
C ASN I 74 3.01 25.86 13.84
N PHE I 75 1.92 25.19 14.23
CA PHE I 75 2.00 23.74 14.35
C PHE I 75 0.99 22.96 13.50
N ILE I 76 1.46 21.81 13.02
CA ILE I 76 0.69 20.93 12.14
C ILE I 76 0.33 19.65 12.90
N ASP I 77 -0.89 19.15 12.71
CA ASP I 77 -1.27 17.88 13.30
C ASP I 77 -0.82 16.74 12.40
N THR I 78 -0.09 15.80 13.01
CA THR I 78 0.42 14.62 12.32
C THR I 78 -0.52 13.43 12.52
N PRO I 79 -1.19 12.96 11.44
CA PRO I 79 -1.90 11.68 11.49
C PRO I 79 -0.92 10.54 11.78
N GLY I 80 -1.35 9.56 12.58
CA GLY I 80 -0.44 8.53 13.10
C GLY I 80 -0.44 7.19 12.39
N HIS I 81 -0.34 7.20 11.05
CA HIS I 81 -0.16 5.93 10.32
C HIS I 81 0.69 6.02 9.04
N VAL I 82 1.14 4.87 8.55
CA VAL I 82 2.03 4.76 7.39
C VAL I 82 1.33 4.41 6.08
N ASP I 83 0.01 4.26 6.11
CA ASP I 83 -0.77 4.27 4.88
C ASP I 83 -0.67 5.65 4.25
N PHE I 84 -0.70 6.67 5.10
CA PHE I 84 -0.51 8.05 4.68
C PHE I 84 0.95 8.45 4.96
N SER I 85 1.85 7.51 4.73
CA SER I 85 3.30 7.71 4.94
C SER I 85 3.81 8.95 4.22
N TYR I 86 3.43 9.10 2.96
CA TYR I 86 3.82 10.25 2.15
C TYR I 86 3.31 11.56 2.73
N GLU I 87 2.00 11.64 2.95
CA GLU I 87 1.37 12.82 3.56
C GLU I 87 2.06 13.23 4.86
N VAL I 88 2.37 12.25 5.71
CA VAL I 88 3.04 12.52 6.97
C VAL I 88 4.39 13.22 6.74
N SER I 89 5.22 12.62 5.89
CA SER I 89 6.54 13.18 5.59
C SER I 89 6.46 14.61 5.05
N ARG I 90 5.42 14.89 4.25
CA ARG I 90 5.23 16.23 3.70
C ARG I 90 4.89 17.29 4.75
N SER I 91 4.16 16.89 5.79
CA SER I 91 3.86 17.77 6.93
C SER I 91 5.12 18.04 7.74
N LEU I 92 5.89 16.99 7.98
CA LEU I 92 7.15 17.08 8.72
C LEU I 92 8.19 17.87 7.94
N ALA I 93 8.13 17.75 6.61
CA ALA I 93 8.97 18.55 5.71
C ALA I 93 8.73 20.05 5.85
N ALA I 94 7.62 20.41 6.50
CA ALA I 94 7.25 21.81 6.70
C ALA I 94 7.70 22.33 8.08
N CYS I 95 8.39 21.49 8.83
CA CYS I 95 8.76 21.81 10.21
C CYS I 95 10.27 21.84 10.44
N GLU I 96 10.69 22.45 11.55
CA GLU I 96 12.09 22.44 11.97
C GLU I 96 12.29 21.50 13.14
N GLY I 97 11.18 21.16 13.78
CA GLY I 97 11.20 20.23 14.90
C GLY I 97 9.85 19.56 15.10
N ALA I 98 9.77 18.74 16.14
CA ALA I 98 8.53 18.09 16.52
C ALA I 98 8.48 17.79 18.02
N LEU I 99 7.27 17.70 18.55
CA LEU I 99 7.06 17.28 19.94
C LEU I 99 6.67 15.81 19.96
N LEU I 100 7.24 15.06 20.91
CA LEU I 100 6.84 13.68 21.12
C LEU I 100 6.12 13.55 22.45
N VAL I 101 4.81 13.70 22.41
CA VAL I 101 3.96 13.63 23.60
C VAL I 101 3.78 12.17 24.03
N VAL I 102 4.35 11.82 25.17
CA VAL I 102 4.26 10.44 25.68
C VAL I 102 3.58 10.39 27.04
N ASP I 103 2.59 9.51 27.16
CA ASP I 103 1.88 9.28 28.41
C ASP I 103 2.86 8.69 29.45
N ALA I 104 2.89 9.28 30.63
CA ALA I 104 3.75 8.82 31.71
C ALA I 104 3.24 7.52 32.33
N GLY I 105 1.96 7.21 32.09
CA GLY I 105 1.34 6.00 32.61
C GLY I 105 1.33 4.82 31.64
N GLN I 106 1.61 5.10 30.37
CA GLN I 106 1.55 4.08 29.33
C GLN I 106 2.92 3.70 28.77
N GLY I 107 3.67 4.71 28.31
CA GLY I 107 4.91 4.49 27.56
C GLY I 107 4.66 4.56 26.07
N VAL I 108 5.75 4.56 25.30
CA VAL I 108 5.69 4.75 23.85
C VAL I 108 5.07 3.56 23.09
N GLU I 109 4.61 3.81 21.87
CA GLU I 109 4.03 2.74 21.01
C GLU I 109 4.37 2.91 19.53
N ALA I 110 4.28 1.82 18.76
CA ALA I 110 4.89 1.71 17.42
C ALA I 110 4.34 2.60 16.29
N GLN I 111 3.11 3.09 16.44
CA GLN I 111 2.54 4.04 15.47
C GLN I 111 3.07 5.46 15.68
N THR I 112 3.50 5.74 16.91
CA THR I 112 4.17 7.01 17.22
C THR I 112 5.68 6.88 16.99
N LEU I 113 6.13 5.69 16.58
CA LEU I 113 7.56 5.42 16.41
C LEU I 113 8.07 5.64 14.99
N ALA I 114 7.34 5.15 14.00
CA ALA I 114 7.73 5.28 12.59
C ALA I 114 7.75 6.74 12.14
N ASN I 115 6.72 7.48 12.57
CA ASN I 115 6.64 8.91 12.35
C ASN I 115 7.74 9.63 13.11
N CYS I 116 8.08 9.09 14.27
CA CYS I 116 9.16 9.63 15.09
C CYS I 116 10.53 9.33 14.50
N TYR I 117 10.69 8.12 13.94
CA TYR I 117 11.93 7.75 13.27
C TYR I 117 12.17 8.60 12.02
N THR I 118 11.15 8.73 11.18
CA THR I 118 11.27 9.53 9.96
C THR I 118 11.48 11.02 10.30
N ALA I 119 10.93 11.44 11.43
CA ALA I 119 11.14 12.80 11.94
C ALA I 119 12.62 13.05 12.25
N MET I 120 13.31 12.03 12.74
CA MET I 120 14.75 12.14 13.03
C MET I 120 15.56 11.98 11.74
N GLU I 121 15.07 11.15 10.82
CA GLU I 121 15.70 10.92 9.52
C GLU I 121 15.77 12.22 8.70
N MET I 122 14.73 13.05 8.80
CA MET I 122 14.80 14.44 8.37
C MET I 122 15.33 15.20 9.58
N ASP I 123 16.20 16.18 9.38
CA ASP I 123 16.90 16.82 10.51
C ASP I 123 16.04 17.75 11.38
N LEU I 124 15.06 17.17 12.08
CA LEU I 124 14.17 17.93 12.95
C LEU I 124 14.51 17.69 14.42
N GLU I 125 14.42 18.75 15.23
CA GLU I 125 14.57 18.62 16.67
C GLU I 125 13.33 17.99 17.27
N VAL I 126 13.52 16.85 17.93
CA VAL I 126 12.40 16.13 18.54
C VAL I 126 12.40 16.33 20.05
N VAL I 127 11.45 17.11 20.54
CA VAL I 127 11.36 17.42 21.95
C VAL I 127 10.54 16.36 22.69
N PRO I 128 11.15 15.69 23.68
CA PRO I 128 10.42 14.75 24.52
C PRO I 128 9.49 15.48 25.49
N VAL I 129 8.24 15.02 25.57
CA VAL I 129 7.26 15.58 26.50
C VAL I 129 6.57 14.45 27.27
N LEU I 130 6.67 14.48 28.59
CA LEU I 130 5.97 13.51 29.43
C LEU I 130 4.61 14.07 29.85
N ASN I 131 3.54 13.44 29.36
CA ASN I 131 2.19 13.92 29.58
C ASN I 131 1.45 13.17 30.69
N LYS I 132 0.40 13.80 31.22
CA LYS I 132 -0.52 13.21 32.21
C LYS I 132 0.17 12.65 33.45
N ILE I 133 1.06 13.45 34.04
CA ILE I 133 1.81 13.02 35.23
C ILE I 133 0.95 12.97 36.51
N ASP I 134 -0.19 13.67 36.49
CA ASP I 134 -1.11 13.71 37.62
C ASP I 134 -1.78 12.38 37.93
N LEU I 135 -1.96 11.55 36.91
CA LEU I 135 -2.60 10.24 37.04
C LEU I 135 -1.84 9.34 38.02
N PRO I 136 -2.55 8.55 38.84
CA PRO I 136 -1.91 7.71 39.85
C PRO I 136 -0.93 6.68 39.28
N ALA I 137 -1.21 6.22 38.05
CA ALA I 137 -0.40 5.19 37.40
C ALA I 137 0.78 5.75 36.60
N ALA I 138 1.05 7.05 36.76
CA ALA I 138 2.12 7.72 36.03
C ALA I 138 3.51 7.37 36.59
N ASP I 139 4.39 6.92 35.70
CA ASP I 139 5.76 6.60 36.05
C ASP I 139 6.72 7.35 35.10
N PRO I 140 7.02 8.62 35.43
CA PRO I 140 7.83 9.47 34.56
C PRO I 140 9.24 8.93 34.38
N GLU I 141 9.93 8.65 35.49
CA GLU I 141 11.32 8.19 35.48
C GLU I 141 11.51 6.97 34.60
N ARG I 142 10.56 6.03 34.67
CA ARG I 142 10.61 4.80 33.87
C ARG I 142 10.37 5.06 32.40
N VAL I 143 9.35 5.88 32.10
CA VAL I 143 9.00 6.22 30.72
C VAL I 143 10.14 7.02 30.05
N ALA I 144 10.82 7.85 30.84
CA ALA I 144 12.02 8.55 30.39
C ALA I 144 13.08 7.58 29.87
N GLU I 145 13.28 6.48 30.60
CA GLU I 145 14.20 5.42 30.18
C GLU I 145 13.74 4.76 28.88
N GLU I 146 12.43 4.56 28.75
CA GLU I 146 11.83 3.93 27.58
C GLU I 146 12.06 4.73 26.30
N ILE I 147 11.84 6.04 26.38
CA ILE I 147 12.09 6.95 25.25
C ILE I 147 13.57 6.93 24.86
N GLU I 148 14.44 6.93 25.87
CA GLU I 148 15.89 6.86 25.66
C GLU I 148 16.32 5.51 25.09
N ASP I 149 15.53 4.47 25.37
CA ASP I 149 15.85 3.11 24.95
C ASP I 149 15.33 2.78 23.56
N ILE I 150 14.04 3.02 23.34
CA ILE I 150 13.35 2.62 22.12
C ILE I 150 13.48 3.65 20.98
N VAL I 151 13.35 4.93 21.31
CA VAL I 151 13.39 6.00 20.31
C VAL I 151 14.81 6.47 20.03
N GLY I 152 15.67 6.39 21.06
CA GLY I 152 17.04 6.87 20.97
C GLY I 152 17.12 8.38 21.10
N ILE I 153 16.21 8.95 21.87
CA ILE I 153 16.15 10.40 22.10
C ILE I 153 16.37 10.78 23.57
N ASP I 154 17.22 11.80 23.76
CA ASP I 154 17.63 12.25 25.09
C ASP I 154 16.46 12.91 25.83
N ALA I 155 16.05 12.31 26.94
CA ALA I 155 14.91 12.78 27.70
C ALA I 155 15.23 12.94 29.19
N THR I 156 16.46 13.33 29.50
CA THR I 156 16.88 13.53 30.89
C THR I 156 16.24 14.78 31.47
N ASP I 157 16.10 15.81 30.63
CA ASP I 157 15.47 17.06 31.02
C ASP I 157 14.08 17.15 30.40
N ALA I 158 13.44 16.00 30.18
CA ALA I 158 12.11 15.93 29.59
C ALA I 158 11.09 16.70 30.40
N VAL I 159 10.39 17.63 29.73
CA VAL I 159 9.40 18.46 30.37
C VAL I 159 8.12 17.66 30.60
N ARG I 160 7.53 17.80 31.79
CA ARG I 160 6.31 17.07 32.14
C ARG I 160 5.12 17.97 32.47
N CYS I 161 3.90 17.44 32.30
CA CYS I 161 2.69 18.25 32.39
C CYS I 161 1.40 17.47 32.68
N SER I 162 0.39 18.21 33.12
CA SER I 162 -0.91 17.64 33.51
C SER I 162 -2.04 18.01 32.56
N ALA I 163 -2.94 17.05 32.34
CA ALA I 163 -4.14 17.27 31.54
C ALA I 163 -5.26 17.82 32.41
N LYS I 164 -5.11 17.63 33.73
CA LYS I 164 -6.09 18.11 34.70
C LYS I 164 -5.99 19.63 34.92
N THR I 165 -4.76 20.12 35.02
CA THR I 165 -4.51 21.51 35.41
C THR I 165 -3.95 22.34 34.25
N GLY I 166 -3.00 21.77 33.53
CA GLY I 166 -2.31 22.49 32.47
C GLY I 166 -0.98 23.04 32.93
N VAL I 167 -0.53 22.59 34.09
CA VAL I 167 0.77 22.99 34.64
C VAL I 167 1.91 22.37 33.83
N GLY I 168 2.90 23.19 33.49
CA GLY I 168 4.06 22.73 32.74
C GLY I 168 3.87 22.74 31.23
N VAL I 169 2.66 23.01 30.76
CA VAL I 169 2.39 23.08 29.33
C VAL I 169 3.06 24.34 28.76
N GLN I 170 3.12 25.39 29.57
CA GLN I 170 3.87 26.59 29.24
C GLN I 170 5.36 26.28 29.16
N ASP I 171 5.84 25.45 30.08
CA ASP I 171 7.24 25.00 30.07
C ASP I 171 7.58 24.19 28.81
N VAL I 172 6.60 23.44 28.31
CA VAL I 172 6.71 22.72 27.04
C VAL I 172 6.95 23.72 25.90
N LEU I 173 6.23 24.85 25.95
CA LEU I 173 6.38 25.92 24.97
C LEU I 173 7.70 26.66 25.10
N GLU I 174 8.14 26.87 26.34
CA GLU I 174 9.45 27.46 26.62
C GLU I 174 10.56 26.61 25.99
N ARG I 175 10.52 25.31 26.26
CA ARG I 175 11.49 24.35 25.72
C ARG I 175 11.47 24.35 24.20
N LEU I 176 10.27 24.27 23.65
CA LEU I 176 10.03 24.30 22.20
C LEU I 176 10.84 25.40 21.52
N VAL I 177 10.59 26.64 21.94
CA VAL I 177 11.25 27.84 21.43
C VAL I 177 12.78 27.81 21.59
N ARG I 178 13.23 27.26 22.71
CA ARG I 178 14.65 27.20 23.05
C ARG I 178 15.42 26.25 22.14
N ASP I 179 14.80 25.12 21.80
CA ASP I 179 15.53 24.02 21.17
C ASP I 179 15.21 23.79 19.69
N ILE I 180 13.99 24.14 19.26
CA ILE I 180 13.64 24.06 17.83
C ILE I 180 14.17 25.31 17.13
N PRO I 181 15.01 25.12 16.10
CA PRO I 181 15.57 26.27 15.38
C PRO I 181 14.52 26.96 14.50
N PRO I 182 14.55 28.29 14.36
CA PRO I 182 13.70 29.05 13.47
C PRO I 182 13.95 28.63 12.08
N PRO I 183 12.83 28.72 11.44
CA PRO I 183 12.72 28.42 10.08
C PRO I 183 13.69 29.29 9.27
N GLU I 184 14.14 28.75 8.12
CA GLU I 184 15.22 29.38 7.36
C GLU I 184 14.84 29.67 5.91
N GLY I 185 15.39 30.77 5.41
CA GLY I 185 15.15 31.20 4.04
C GLY I 185 15.50 32.67 3.84
N ASP I 186 15.25 33.16 2.65
CA ASP I 186 15.55 34.54 2.29
C ASP I 186 14.24 35.33 2.06
N PRO I 187 13.89 36.23 3.01
CA PRO I 187 12.68 37.06 2.85
C PRO I 187 12.65 37.81 1.50
N GLU I 188 13.84 38.03 0.93
CA GLU I 188 13.99 38.70 -0.37
C GLU I 188 14.17 37.73 -1.54
N GLY I 189 14.56 36.50 -1.25
CA GLY I 189 14.74 35.48 -2.28
C GLY I 189 13.45 35.20 -3.02
N PRO I 190 13.52 34.54 -4.20
CA PRO I 190 12.30 34.21 -4.95
C PRO I 190 11.27 33.50 -4.08
N LEU I 191 9.99 33.84 -4.29
CA LEU I 191 8.89 33.29 -3.48
C LEU I 191 8.81 31.77 -3.61
N GLN I 192 8.79 31.09 -2.46
CA GLN I 192 8.57 29.65 -2.42
C GLN I 192 7.63 29.30 -1.27
N ALA I 193 6.37 29.05 -1.60
CA ALA I 193 5.35 28.73 -0.61
C ALA I 193 4.82 27.32 -0.83
N LEU I 194 4.94 26.47 0.19
CA LEU I 194 4.50 25.08 0.13
C LEU I 194 3.01 24.95 0.43
N ILE I 195 2.25 24.40 -0.54
CA ILE I 195 0.84 24.12 -0.32
C ILE I 195 0.70 22.91 0.62
N ILE I 196 0.27 23.19 1.85
CA ILE I 196 0.06 22.16 2.87
C ILE I 196 -1.29 21.48 2.68
N ASP I 197 -2.34 22.28 2.42
CA ASP I 197 -3.69 21.76 2.21
C ASP I 197 -4.56 22.74 1.44
N SER I 198 -5.54 22.21 0.71
CA SER I 198 -6.49 23.01 -0.02
C SER I 198 -7.88 22.42 0.13
N TRP I 199 -8.85 23.26 0.47
CA TRP I 199 -10.24 22.83 0.67
C TRP I 199 -11.19 23.85 0.04
N PHE I 200 -12.47 23.48 -0.04
CA PHE I 200 -13.49 24.39 -0.55
C PHE I 200 -14.29 25.03 0.58
N ASP I 201 -14.36 26.36 0.56
CA ASP I 201 -15.18 27.13 1.49
C ASP I 201 -16.40 27.61 0.71
N ASN I 202 -17.58 27.26 1.22
CA ASN I 202 -18.84 27.55 0.54
C ASN I 202 -19.11 29.04 0.27
N TYR I 203 -18.26 29.91 0.81
CA TYR I 203 -18.41 31.35 0.60
C TYR I 203 -17.14 32.00 0.05
N LEU I 204 -15.99 31.53 0.52
CA LEU I 204 -14.70 32.08 0.13
C LEU I 204 -14.12 31.44 -1.14
N GLY I 205 -14.52 30.19 -1.40
CA GLY I 205 -14.01 29.44 -2.55
C GLY I 205 -12.86 28.54 -2.13
N VAL I 206 -11.97 28.25 -3.07
CA VAL I 206 -10.81 27.41 -2.78
C VAL I 206 -9.85 28.17 -1.88
N VAL I 207 -9.54 27.57 -0.75
CA VAL I 207 -8.58 28.14 0.22
C VAL I 207 -7.43 27.17 0.40
N SER I 208 -6.21 27.72 0.45
CA SER I 208 -5.01 26.92 0.68
C SER I 208 -4.26 27.37 1.93
N LEU I 209 -3.85 26.40 2.75
CA LEU I 209 -2.94 26.67 3.86
C LEU I 209 -1.50 26.62 3.35
N ILE I 210 -0.75 27.66 3.64
CA ILE I 210 0.59 27.88 3.08
C ILE I 210 1.66 27.91 4.15
N ARG I 211 2.86 27.45 3.78
CA ARG I 211 4.07 27.71 4.55
C ARG I 211 5.07 28.44 3.66
N ILE I 212 5.58 29.58 4.14
CA ILE I 212 6.55 30.34 3.35
C ILE I 212 7.97 29.90 3.64
N LYS I 213 8.62 29.30 2.64
CA LYS I 213 9.98 28.80 2.76
C LYS I 213 11.01 29.85 2.30
N ASN I 214 10.64 30.56 1.24
CA ASN I 214 11.43 31.66 0.69
C ASN I 214 10.54 32.81 0.23
N GLY I 215 11.08 34.03 0.30
CA GLY I 215 10.38 35.21 -0.18
C GLY I 215 9.29 35.71 0.74
N THR I 216 8.51 36.66 0.23
CA THR I 216 7.41 37.28 0.95
C THR I 216 6.18 37.36 0.04
N LEU I 217 5.02 36.97 0.57
CA LEU I 217 3.77 37.11 -0.16
C LEU I 217 2.95 38.26 0.41
N ARG I 218 2.55 39.20 -0.45
CA ARG I 218 1.71 40.34 -0.05
C ARG I 218 0.38 40.30 -0.81
N LYS I 219 -0.58 41.14 -0.38
CA LYS I 219 -1.94 41.09 -0.89
C LYS I 219 -2.05 41.16 -2.42
N GLY I 220 -1.58 42.24 -3.04
CA GLY I 220 -1.73 42.41 -4.49
C GLY I 220 -1.10 41.36 -5.39
N ASP I 221 -0.05 40.71 -4.89
CA ASP I 221 0.82 39.83 -5.67
C ASP I 221 0.07 38.84 -6.57
N LYS I 222 0.53 38.70 -7.83
CA LYS I 222 -0.01 37.66 -8.71
C LYS I 222 0.81 36.37 -8.59
N VAL I 223 0.17 35.36 -8.01
CA VAL I 223 0.84 34.10 -7.68
C VAL I 223 0.82 33.10 -8.82
N LYS I 224 1.72 32.12 -8.74
CA LYS I 224 1.87 31.10 -9.75
C LYS I 224 1.96 29.74 -9.08
N VAL I 225 1.05 28.84 -9.45
CA VAL I 225 1.12 27.47 -8.99
C VAL I 225 2.04 26.76 -9.96
N MET I 226 3.14 26.23 -9.43
CA MET I 226 4.25 25.78 -10.26
C MET I 226 3.97 24.55 -11.15
N SER I 227 3.10 23.65 -10.68
CA SER I 227 2.73 22.47 -11.48
C SER I 227 1.85 22.86 -12.66
N THR I 228 0.69 23.43 -12.38
CA THR I 228 -0.23 23.86 -13.42
C THR I 228 0.38 24.99 -14.27
N GLY I 229 1.20 25.83 -13.65
CA GLY I 229 1.84 26.93 -14.34
C GLY I 229 0.92 28.13 -14.48
N GLN I 230 -0.32 27.98 -14.03
CA GLN I 230 -1.30 29.07 -14.07
C GLN I 230 -1.05 30.13 -13.02
N THR I 231 -1.54 31.34 -13.28
CA THR I 231 -1.40 32.46 -12.36
C THR I 231 -2.73 32.88 -11.74
N TYR I 232 -2.66 33.44 -10.54
CA TYR I 232 -3.85 33.89 -9.81
C TYR I 232 -3.54 35.16 -9.01
N ASN I 233 -4.58 35.90 -8.63
CA ASN I 233 -4.40 37.08 -7.77
C ASN I 233 -4.68 36.81 -6.30
N ALA I 234 -3.70 37.12 -5.45
CA ALA I 234 -3.80 36.91 -4.01
C ALA I 234 -4.78 37.91 -3.35
N ASP I 235 -6.08 37.69 -3.53
CA ASP I 235 -7.09 38.64 -3.07
C ASP I 235 -7.07 38.81 -1.56
N ARG I 236 -7.10 37.69 -0.84
CA ARG I 236 -7.11 37.71 0.63
C ARG I 236 -6.14 36.68 1.20
N LEU I 237 -5.55 37.01 2.34
CA LEU I 237 -4.71 36.08 3.08
C LEU I 237 -4.64 36.46 4.55
N GLY I 238 -4.29 35.49 5.38
CA GLY I 238 -4.10 35.72 6.80
C GLY I 238 -3.68 34.49 7.56
N ILE I 239 -3.96 34.49 8.86
CA ILE I 239 -3.61 33.39 9.74
C ILE I 239 -4.84 32.84 10.47
N PHE I 240 -4.70 31.67 11.07
CA PHE I 240 -5.71 31.15 11.99
C PHE I 240 -5.25 31.34 13.43
N THR I 241 -6.20 31.50 14.34
CA THR I 241 -5.90 31.97 15.69
C THR I 241 -6.41 31.10 16.88
N PRO I 242 -7.29 30.10 16.63
CA PRO I 242 -7.81 29.50 15.39
C PRO I 242 -8.80 30.37 14.60
N LYS I 243 -9.25 31.49 15.19
CA LYS I 243 -10.09 32.45 14.48
C LYS I 243 -9.42 32.97 13.22
N GLN I 244 -10.19 33.18 12.18
CA GLN I 244 -9.66 33.62 10.89
C GLN I 244 -9.44 35.13 10.84
N VAL I 245 -8.18 35.54 10.95
CA VAL I 245 -7.80 36.94 10.89
C VAL I 245 -7.06 37.19 9.58
N ASP I 246 -7.46 38.25 8.88
CA ASP I 246 -6.77 38.67 7.65
C ASP I 246 -5.47 39.36 7.98
N ARG I 247 -4.54 39.34 7.03
CA ARG I 247 -3.28 40.06 7.15
C ARG I 247 -2.97 40.75 5.83
N THR I 248 -2.12 41.77 5.89
CA THR I 248 -1.64 42.44 4.68
C THR I 248 -0.66 41.56 3.90
N GLU I 249 0.13 40.75 4.61
CA GLU I 249 1.17 39.94 4.00
C GLU I 249 1.54 38.71 4.84
N LEU I 250 1.94 37.63 4.17
CA LEU I 250 2.58 36.50 4.82
C LEU I 250 4.07 36.53 4.53
N LYS I 251 4.88 36.63 5.58
CA LYS I 251 6.34 36.75 5.42
C LYS I 251 7.08 35.43 5.65
N CYS I 252 8.39 35.44 5.38
CA CYS I 252 9.20 34.22 5.37
C CYS I 252 9.22 33.51 6.72
N GLY I 253 8.82 32.24 6.71
CA GLY I 253 8.79 31.41 7.91
C GLY I 253 7.41 31.30 8.54
N GLU I 254 6.43 31.99 7.96
CA GLU I 254 5.09 32.02 8.51
C GLU I 254 4.14 31.02 7.86
N VAL I 255 3.12 30.62 8.63
CA VAL I 255 2.08 29.72 8.17
C VAL I 255 0.74 30.46 8.16
N GLY I 256 0.00 30.33 7.07
CA GLY I 256 -1.28 31.01 6.93
C GLY I 256 -2.12 30.54 5.75
N TRP I 257 -3.24 31.22 5.53
CA TRP I 257 -4.18 30.82 4.49
C TRP I 257 -4.20 31.83 3.35
N LEU I 258 -4.46 31.35 2.15
CA LEU I 258 -4.52 32.20 0.97
C LEU I 258 -5.78 31.98 0.17
N VAL I 259 -6.48 33.05 -0.15
CA VAL I 259 -7.66 32.99 -1.01
C VAL I 259 -7.45 33.79 -2.32
N CYS I 260 -7.08 33.06 -3.36
CA CYS I 260 -7.15 33.56 -4.73
C CYS I 260 -8.12 32.65 -5.47
N ALA I 261 -8.88 33.21 -6.40
CA ALA I 261 -10.04 32.54 -6.99
C ALA I 261 -9.69 31.36 -7.90
N ILE I 262 -9.04 30.36 -7.32
CA ILE I 262 -8.72 29.10 -8.00
C ILE I 262 -10.01 28.29 -8.19
N LYS I 263 -10.16 27.72 -9.39
CA LYS I 263 -11.35 26.98 -9.80
C LYS I 263 -11.77 25.90 -8.78
N ASP I 264 -10.99 24.83 -8.71
CA ASP I 264 -11.21 23.75 -7.75
C ASP I 264 -9.91 23.40 -7.04
N ILE I 265 -9.98 22.52 -6.04
CA ILE I 265 -8.82 22.21 -5.19
C ILE I 265 -7.72 21.43 -5.90
N HIS I 266 -7.98 20.99 -7.13
CA HIS I 266 -6.96 20.38 -7.97
C HIS I 266 -6.05 21.43 -8.61
N GLY I 267 -6.54 22.67 -8.63
CA GLY I 267 -5.78 23.80 -9.16
C GLY I 267 -4.70 24.27 -8.21
N ALA I 268 -4.82 23.87 -6.96
CA ALA I 268 -3.80 24.13 -5.94
C ALA I 268 -3.50 22.81 -5.23
N PRO I 269 -2.71 21.93 -5.88
CA PRO I 269 -2.50 20.58 -5.35
C PRO I 269 -1.64 20.60 -4.10
N VAL I 270 -1.88 19.65 -3.22
CA VAL I 270 -1.08 19.50 -2.00
C VAL I 270 0.34 19.09 -2.37
N GLY I 271 1.30 19.84 -1.85
CA GLY I 271 2.73 19.59 -2.10
C GLY I 271 3.35 20.52 -3.11
N ASP I 272 2.50 21.17 -3.92
CA ASP I 272 2.92 22.12 -4.94
C ASP I 272 3.52 23.35 -4.29
N THR I 273 4.16 24.23 -5.07
CA THR I 273 4.76 25.43 -4.50
C THR I 273 4.29 26.69 -5.20
N LEU I 274 4.08 27.75 -4.42
CA LEU I 274 3.66 29.03 -4.98
C LEU I 274 4.82 30.00 -5.10
N THR I 275 5.02 30.50 -6.31
CA THR I 275 6.00 31.53 -6.57
C THR I 275 5.31 32.77 -7.15
N LEU I 276 6.02 33.89 -7.20
CA LEU I 276 5.48 35.10 -7.81
C LEU I 276 5.68 35.07 -9.32
N ALA I 277 4.73 35.66 -10.05
CA ALA I 277 4.77 35.65 -11.51
C ALA I 277 5.89 36.51 -12.08
N ARG I 278 6.08 37.69 -11.49
CA ARG I 278 7.11 38.63 -11.94
C ARG I 278 8.51 38.15 -11.62
N ASN I 279 8.62 37.30 -10.59
CA ASN I 279 9.89 36.76 -10.12
C ASN I 279 9.77 35.28 -9.72
N PRO I 280 9.61 34.39 -10.72
CA PRO I 280 9.39 32.97 -10.41
C PRO I 280 10.64 32.25 -9.92
N ALA I 281 10.49 31.46 -8.86
CA ALA I 281 11.55 30.61 -8.34
C ALA I 281 11.97 29.61 -9.42
N GLU I 282 13.28 29.41 -9.54
CA GLU I 282 13.84 28.60 -10.62
C GLU I 282 13.42 27.14 -10.49
N LYS I 283 13.50 26.62 -9.26
CA LYS I 283 13.22 25.22 -8.98
C LYS I 283 12.12 25.11 -7.93
N ALA I 284 11.09 24.31 -8.21
CA ALA I 284 10.01 24.08 -7.27
C ALA I 284 10.53 23.30 -6.07
N LEU I 285 9.96 23.58 -4.89
CA LEU I 285 10.31 22.87 -3.65
C LEU I 285 10.24 21.35 -3.80
N PRO I 286 11.14 20.63 -3.09
CA PRO I 286 11.27 19.19 -3.33
C PRO I 286 10.11 18.36 -2.77
N GLY I 287 9.87 17.21 -3.38
CA GLY I 287 8.95 16.22 -2.83
C GLY I 287 7.50 16.31 -3.27
N PHE I 288 7.22 17.13 -4.28
CA PHE I 288 5.89 17.19 -4.86
C PHE I 288 5.62 15.93 -5.69
N LYS I 289 4.39 15.43 -5.59
CA LYS I 289 3.92 14.36 -6.45
C LYS I 289 2.41 14.30 -6.41
N LYS I 290 1.92 13.43 -7.33
CA LYS I 290 0.64 12.82 -7.10
C LYS I 290 0.64 11.66 -6.07
N VAL I 291 1.40 10.53 -6.18
CA VAL I 291 1.24 9.35 -5.27
C VAL I 291 0.01 8.38 -5.47
N LYS I 292 0.21 7.04 -5.09
CA LYS I 292 -0.24 5.67 -5.50
C LYS I 292 -0.48 4.60 -4.37
N PRO I 293 -1.07 3.53 -4.73
CA PRO I 293 -1.65 2.71 -3.70
C PRO I 293 -1.11 1.34 -3.70
N GLN I 294 -1.03 0.66 -2.58
CA GLN I 294 -0.81 -0.75 -2.67
C GLN I 294 -2.05 -1.62 -3.08
N VAL I 295 -2.98 -1.78 -2.10
CA VAL I 295 -4.08 -2.75 -1.92
C VAL I 295 -5.28 -2.42 -2.79
N TYR I 296 -5.87 -3.45 -3.40
CA TYR I 296 -7.03 -3.29 -4.27
C TYR I 296 -8.23 -4.13 -3.79
N ALA I 297 -9.43 -3.60 -4.02
CA ALA I 297 -10.66 -4.33 -3.73
C ALA I 297 -11.83 -3.78 -4.53
N GLY I 298 -12.78 -4.65 -4.84
CA GLY I 298 -14.01 -4.26 -5.54
C GLY I 298 -15.10 -3.90 -4.56
N LEU I 299 -15.82 -2.83 -4.86
CA LEU I 299 -16.93 -2.37 -4.03
C LEU I 299 -18.17 -2.23 -4.90
N PHE I 300 -19.24 -2.92 -4.52
CA PHE I 300 -20.46 -2.99 -5.32
C PHE I 300 -21.67 -2.68 -4.47
N PRO I 301 -22.55 -1.79 -4.94
CA PRO I 301 -23.77 -1.47 -4.21
C PRO I 301 -24.66 -2.71 -4.04
N VAL I 302 -25.28 -2.82 -2.86
CA VAL I 302 -26.28 -3.85 -2.60
C VAL I 302 -27.44 -3.62 -3.55
N SER I 303 -27.89 -2.37 -3.62
CA SER I 303 -28.97 -1.93 -4.50
C SER I 303 -28.38 -1.13 -5.65
N SER I 304 -28.69 -1.56 -6.87
CA SER I 304 -28.24 -0.89 -8.11
C SER I 304 -28.61 0.58 -8.17
N ASP I 305 -29.66 0.98 -7.46
CA ASP I 305 -30.08 2.39 -7.42
C ASP I 305 -29.09 3.30 -6.71
N ASP I 306 -28.24 2.72 -5.87
CA ASP I 306 -27.18 3.45 -5.17
C ASP I 306 -25.99 3.79 -6.09
N TYR I 307 -25.90 3.11 -7.24
CA TYR I 307 -24.74 3.25 -8.14
C TYR I 307 -24.42 4.71 -8.49
N GLU I 308 -25.46 5.49 -8.79
CA GLU I 308 -25.29 6.90 -9.11
C GLU I 308 -24.59 7.62 -7.95
N ALA I 309 -25.14 7.45 -6.75
CA ALA I 309 -24.62 8.09 -5.54
C ALA I 309 -23.19 7.64 -5.23
N PHE I 310 -22.92 6.36 -5.46
CA PHE I 310 -21.61 5.78 -5.21
C PHE I 310 -20.53 6.38 -6.14
N ARG I 311 -20.87 6.52 -7.42
CA ARG I 311 -19.97 7.13 -8.42
C ARG I 311 -19.65 8.58 -8.07
N ASP I 312 -20.68 9.31 -7.63
CA ASP I 312 -20.54 10.71 -7.24
C ASP I 312 -19.76 10.88 -5.94
N ALA I 313 -19.89 9.90 -5.05
CA ALA I 313 -19.21 9.92 -3.76
C ALA I 313 -17.72 9.69 -3.94
N LEU I 314 -17.38 8.79 -4.87
CA LEU I 314 -15.98 8.54 -5.21
C LEU I 314 -15.36 9.80 -5.81
N GLY I 315 -16.10 10.47 -6.69
CA GLY I 315 -15.70 11.77 -7.23
C GLY I 315 -15.44 12.83 -6.16
N LYS I 316 -16.34 12.89 -5.17
CA LYS I 316 -16.21 13.84 -4.04
C LYS I 316 -14.95 13.58 -3.21
N LEU I 317 -14.74 12.33 -2.86
CA LEU I 317 -13.53 11.90 -2.18
C LEU I 317 -12.27 12.18 -3.00
N SER I 318 -12.40 12.07 -4.32
CA SER I 318 -11.27 12.16 -5.24
C SER I 318 -10.69 13.57 -5.35
N LEU I 319 -11.51 14.58 -5.04
CA LEU I 319 -11.05 15.98 -5.08
C LEU I 319 -10.01 16.25 -3.98
N ASN I 320 -10.06 15.46 -2.92
CA ASN I 320 -9.17 15.62 -1.77
C ASN I 320 -8.29 14.40 -1.47
N ASP I 321 -8.49 13.32 -2.22
CA ASP I 321 -7.63 12.13 -2.08
C ASP I 321 -6.79 11.85 -3.31
N ALA I 322 -5.49 12.12 -3.19
CA ALA I 322 -4.55 12.02 -4.31
C ALA I 322 -4.16 10.59 -4.65
N SER I 323 -4.20 9.72 -3.66
CA SER I 323 -3.74 8.34 -3.84
C SER I 323 -4.87 7.32 -3.96
N LEU I 324 -6.11 7.77 -3.76
CA LEU I 324 -7.29 6.95 -4.01
C LEU I 324 -7.41 6.65 -5.50
N PHE I 325 -7.47 5.38 -5.84
CA PHE I 325 -7.67 4.95 -7.20
C PHE I 325 -9.01 4.21 -7.30
N TYR I 326 -9.77 4.54 -8.33
CA TYR I 326 -10.98 3.78 -8.63
C TYR I 326 -11.26 3.72 -10.12
N GLU I 327 -11.90 2.63 -10.52
CA GLU I 327 -12.11 2.33 -11.92
C GLU I 327 -13.38 1.48 -12.03
N PRO I 328 -14.19 1.72 -13.07
CA PRO I 328 -15.45 0.99 -13.16
C PRO I 328 -15.22 -0.50 -13.39
N GLU I 329 -16.11 -1.31 -12.82
CA GLU I 329 -16.08 -2.75 -13.00
C GLU I 329 -17.49 -3.32 -12.79
N SER I 330 -17.83 -4.36 -13.55
CA SER I 330 -19.14 -4.98 -13.44
C SER I 330 -19.06 -6.51 -13.36
N SER I 331 -19.99 -7.09 -12.62
CA SER I 331 -20.16 -8.53 -12.58
C SER I 331 -21.56 -8.85 -13.00
N SER I 332 -21.75 -10.09 -13.47
CA SER I 332 -23.09 -10.59 -13.77
C SER I 332 -23.86 -10.66 -12.45
N ALA I 333 -23.19 -11.24 -11.45
CA ALA I 333 -23.79 -11.51 -10.15
C ALA I 333 -23.84 -10.27 -9.26
N LEU I 334 -22.72 -9.57 -9.16
CA LEU I 334 -22.56 -8.49 -8.19
C LEU I 334 -23.13 -7.14 -8.64
N GLY I 335 -23.14 -6.90 -9.95
CA GLY I 335 -23.69 -5.67 -10.52
C GLY I 335 -22.61 -4.68 -10.91
N PHE I 336 -23.01 -3.43 -11.15
CA PHE I 336 -22.08 -2.37 -11.50
C PHE I 336 -21.49 -1.76 -10.25
N GLY I 337 -20.16 -1.80 -10.13
CA GLY I 337 -19.46 -1.19 -9.01
C GLY I 337 -18.11 -0.66 -9.44
N PHE I 338 -17.20 -0.56 -8.49
CA PHE I 338 -15.89 0.03 -8.76
C PHE I 338 -14.76 -0.77 -8.16
N ARG I 339 -13.73 -1.01 -8.97
CA ARG I 339 -12.50 -1.64 -8.48
C ARG I 339 -11.61 -0.55 -7.94
N CYS I 340 -11.17 -0.71 -6.69
CA CYS I 340 -10.54 0.38 -5.96
C CYS I 340 -9.14 0.10 -5.43
N GLY I 341 -8.27 1.11 -5.53
CA GLY I 341 -6.92 1.04 -5.01
C GLY I 341 -6.77 1.86 -3.75
N PHE I 342 -6.01 1.32 -2.79
CA PHE I 342 -5.79 1.95 -1.51
C PHE I 342 -4.33 1.86 -1.10
N LEU I 343 -3.89 2.79 -0.25
CA LEU I 343 -2.53 2.81 0.28
C LEU I 343 -2.27 1.61 1.18
N GLY I 344 -3.30 1.20 1.92
CA GLY I 344 -3.24 0.04 2.79
C GLY I 344 -4.57 -0.24 3.46
N LEU I 345 -4.53 -0.94 4.58
CA LEU I 345 -5.77 -1.35 5.27
C LEU I 345 -6.62 -0.18 5.79
N LEU I 346 -6.06 0.66 6.65
CA LEU I 346 -6.88 1.74 7.22
C LEU I 346 -7.23 2.85 6.23
N HIS I 347 -6.47 2.97 5.14
CA HIS I 347 -6.87 3.83 4.04
C HIS I 347 -8.19 3.32 3.48
N MET I 348 -8.25 2.02 3.21
CA MET I 348 -9.48 1.35 2.77
C MET I 348 -10.58 1.49 3.80
N GLU I 349 -10.23 1.32 5.08
CA GLU I 349 -11.22 1.35 6.15
C GLU I 349 -11.77 2.75 6.45
N ILE I 350 -10.96 3.79 6.21
CA ILE I 350 -11.40 5.18 6.32
C ILE I 350 -12.44 5.49 5.25
N ILE I 351 -12.10 5.17 4.01
CA ILE I 351 -12.98 5.39 2.87
C ILE I 351 -14.29 4.61 3.02
N GLN I 352 -14.19 3.33 3.37
CA GLN I 352 -15.38 2.50 3.62
C GLN I 352 -16.30 3.08 4.68
N GLU I 353 -15.72 3.48 5.81
CA GLU I 353 -16.45 4.09 6.92
C GLU I 353 -17.10 5.39 6.48
N ARG I 354 -16.40 6.11 5.60
CA ARG I 354 -16.86 7.38 5.07
C ARG I 354 -17.99 7.20 4.05
N LEU I 355 -17.84 6.19 3.19
CA LEU I 355 -18.87 5.78 2.23
C LEU I 355 -20.14 5.34 2.93
N GLU I 356 -19.96 4.62 4.04
CA GLU I 356 -21.05 4.08 4.84
C GLU I 356 -21.84 5.16 5.59
N ARG I 357 -21.13 6.11 6.20
CA ARG I 357 -21.78 7.11 7.05
C ARG I 357 -22.16 8.42 6.35
N GLU I 358 -21.16 9.13 5.83
CA GLU I 358 -21.39 10.40 5.13
C GLU I 358 -22.30 10.25 3.91
N TYR I 359 -22.01 9.24 3.10
CA TYR I 359 -22.73 9.05 1.83
C TYR I 359 -23.85 8.03 1.94
N ASP I 360 -23.93 7.40 3.10
CA ASP I 360 -25.03 6.50 3.45
C ASP I 360 -25.23 5.38 2.40
N LEU I 361 -24.17 4.60 2.19
CA LEU I 361 -24.17 3.56 1.17
C LEU I 361 -23.91 2.17 1.72
N ASP I 362 -24.91 1.31 1.62
CA ASP I 362 -24.77 -0.11 1.97
C ASP I 362 -24.01 -0.79 0.85
N LEU I 363 -22.77 -1.21 1.13
CA LEU I 363 -21.88 -1.73 0.09
C LEU I 363 -21.34 -3.14 0.31
N ILE I 364 -21.32 -3.91 -0.77
CA ILE I 364 -20.67 -5.23 -0.82
C ILE I 364 -19.20 -4.99 -1.18
N THR I 365 -18.29 -5.64 -0.46
CA THR I 365 -16.87 -5.44 -0.66
C THR I 365 -16.08 -6.76 -0.69
N THR I 366 -15.37 -7.03 -1.79
CA THR I 366 -15.03 -8.34 -2.25
C THR I 366 -13.73 -8.31 -1.53
N ALA I 367 -13.01 -9.42 -1.35
CA ALA I 367 -11.82 -9.53 -0.56
C ALA I 367 -10.64 -9.08 -1.43
N PRO I 368 -9.60 -8.41 -1.22
CA PRO I 368 -8.71 -7.81 -2.17
C PRO I 368 -7.80 -8.72 -2.96
N THR I 369 -7.42 -8.39 -4.22
CA THR I 369 -6.67 -9.33 -4.99
C THR I 369 -5.90 -8.55 -6.05
N VAL I 370 -5.38 -9.20 -7.13
CA VAL I 370 -4.61 -8.45 -8.10
C VAL I 370 -4.71 -9.10 -9.47
N VAL I 371 -3.95 -8.55 -10.47
CA VAL I 371 -3.94 -8.92 -11.87
C VAL I 371 -3.03 -10.10 -12.12
N TYR I 372 -3.13 -10.71 -13.34
CA TYR I 372 -2.35 -11.91 -13.59
C TYR I 372 -1.71 -11.93 -14.94
N GLU I 373 -0.83 -12.90 -15.57
CA GLU I 373 -0.16 -13.26 -16.81
C GLU I 373 -0.57 -14.68 -17.19
N VAL I 374 -1.29 -14.81 -18.30
CA VAL I 374 -1.83 -16.10 -18.71
C VAL I 374 -1.23 -16.59 -20.04
N GLU I 375 -0.81 -17.85 -20.06
CA GLU I 375 -0.34 -18.49 -21.29
C GLU I 375 -1.37 -19.48 -21.81
N THR I 376 -1.85 -19.24 -23.02
CA THR I 376 -2.85 -20.07 -23.69
C THR I 376 -2.28 -21.44 -24.08
N THR I 377 -3.17 -22.41 -24.26
CA THR I 377 -2.82 -23.71 -24.85
C THR I 377 -2.19 -23.51 -26.24
N SER I 378 -2.78 -22.60 -27.01
CA SER I 378 -2.15 -22.06 -28.21
C SER I 378 -1.13 -21.02 -27.74
N ARG I 379 0.08 -21.47 -27.46
CA ARG I 379 1.09 -20.70 -26.70
C ARG I 379 1.19 -19.22 -27.07
N GLU I 380 0.83 -18.37 -26.11
CA GLU I 380 0.98 -16.91 -26.20
C GLU I 380 0.59 -16.28 -24.87
N VAL I 381 1.08 -15.08 -24.61
CA VAL I 381 0.85 -14.43 -23.34
C VAL I 381 -0.26 -13.36 -23.43
N ILE I 382 -1.24 -13.46 -22.56
CA ILE I 382 -2.27 -12.43 -22.42
C ILE I 382 -2.41 -12.02 -20.95
N TYR I 383 -2.93 -10.82 -20.73
CA TYR I 383 -3.04 -10.28 -19.38
C TYR I 383 -4.49 -10.03 -18.98
N VAL I 384 -4.84 -10.48 -17.79
CA VAL I 384 -6.23 -10.44 -17.32
C VAL I 384 -6.44 -9.42 -16.20
N ASP I 385 -7.19 -8.36 -16.52
CA ASP I 385 -7.67 -7.39 -15.53
C ASP I 385 -8.75 -8.04 -14.70
N SER I 386 -9.82 -8.42 -15.40
CA SER I 386 -11.04 -8.90 -14.78
C SER I 386 -11.17 -10.40 -14.92
N PRO I 387 -11.46 -11.09 -13.80
CA PRO I 387 -11.64 -12.55 -13.78
C PRO I 387 -12.65 -13.04 -14.79
N SER I 388 -13.64 -12.21 -15.14
CA SER I 388 -14.68 -12.58 -16.10
C SER I 388 -14.15 -12.69 -17.53
N LYS I 389 -12.92 -12.26 -17.74
CA LYS I 389 -12.27 -12.32 -19.05
C LYS I 389 -11.20 -13.40 -19.16
N LEU I 390 -11.05 -14.20 -18.12
CA LEU I 390 -10.07 -15.27 -18.10
C LEU I 390 -10.46 -16.34 -19.13
N PRO I 391 -9.50 -16.81 -19.95
CA PRO I 391 -9.79 -17.87 -20.91
C PRO I 391 -10.37 -19.11 -20.24
N ALA I 392 -11.12 -19.90 -21.01
CA ALA I 392 -11.69 -21.15 -20.51
C ALA I 392 -10.61 -22.10 -20.00
N VAL I 393 -10.95 -22.87 -18.97
CA VAL I 393 -10.01 -23.76 -18.26
C VAL I 393 -9.16 -24.59 -19.23
N ASN I 394 -9.81 -25.10 -20.28
CA ASN I 394 -9.18 -25.92 -21.31
C ASN I 394 -8.10 -25.17 -22.11
N ASN I 395 -8.28 -23.85 -22.21
CA ASN I 395 -7.39 -22.98 -22.99
C ASN I 395 -6.22 -22.42 -22.18
N ILE I 396 -6.22 -22.65 -20.87
CA ILE I 396 -5.12 -22.19 -20.04
C ILE I 396 -4.05 -23.27 -19.96
N TYR I 397 -2.88 -23.00 -20.55
CA TYR I 397 -1.73 -23.87 -20.35
C TYR I 397 -1.13 -23.60 -18.98
N GLU I 398 -0.86 -22.34 -18.68
CA GLU I 398 -0.28 -21.94 -17.41
C GLU I 398 -0.84 -20.60 -16.99
N LEU I 399 -1.30 -20.53 -15.76
CA LEU I 399 -1.82 -19.30 -15.17
C LEU I 399 -0.80 -18.79 -14.18
N ARG I 400 -0.28 -17.58 -14.44
CA ARG I 400 0.80 -17.00 -13.65
C ARG I 400 0.39 -15.75 -12.87
N GLU I 401 0.40 -15.90 -11.55
CA GLU I 401 -0.03 -14.88 -10.61
C GLU I 401 1.17 -14.03 -10.18
N PRO I 402 0.94 -12.71 -9.96
CA PRO I 402 2.06 -11.84 -9.57
C PRO I 402 2.53 -12.07 -8.14
N ILE I 403 3.84 -12.18 -7.97
CA ILE I 403 4.45 -12.34 -6.65
C ILE I 403 5.02 -11.00 -6.18
N ALA I 404 4.71 -10.65 -4.93
CA ALA I 404 5.18 -9.40 -4.34
C ALA I 404 6.29 -9.64 -3.32
N GLU I 405 7.35 -8.83 -3.40
CA GLU I 405 8.42 -8.87 -2.42
C GLU I 405 8.07 -7.91 -1.29
N CYS I 406 7.83 -8.48 -0.11
CA CYS I 406 7.40 -7.70 1.04
C CYS I 406 8.53 -7.56 2.05
N HIS I 407 9.01 -6.33 2.22
CA HIS I 407 10.05 -6.01 3.19
C HIS I 407 9.37 -5.52 4.46
N MET I 408 9.58 -6.25 5.55
CA MET I 408 8.91 -5.97 6.81
C MET I 408 9.89 -5.73 7.95
N LEU I 409 9.57 -4.77 8.81
CA LEU I 409 10.34 -4.48 10.03
C LEU I 409 9.47 -4.68 11.26
N LEU I 410 9.96 -5.45 12.21
CA LEU I 410 9.19 -5.84 13.40
C LEU I 410 10.10 -6.21 14.58
N PRO I 411 9.61 -5.97 15.82
CA PRO I 411 10.33 -6.44 17.02
C PRO I 411 10.32 -7.98 17.12
N GLN I 412 11.39 -8.52 17.71
CA GLN I 412 11.62 -9.97 17.76
C GLN I 412 10.47 -10.76 18.35
N ALA I 413 9.87 -10.23 19.41
CA ALA I 413 8.78 -10.91 20.12
C ALA I 413 7.59 -11.29 19.22
N TYR I 414 7.42 -10.58 18.10
CA TYR I 414 6.22 -10.73 17.28
C TYR I 414 6.35 -11.64 16.05
N LEU I 415 7.58 -11.88 15.59
CA LEU I 415 7.79 -12.64 14.33
C LEU I 415 7.09 -14.00 14.28
N GLY I 416 6.75 -14.54 15.44
CA GLY I 416 5.99 -15.79 15.54
C GLY I 416 4.60 -15.62 14.98
N ASN I 417 3.94 -14.54 15.38
CA ASN I 417 2.62 -14.20 14.89
C ASN I 417 2.64 -13.66 13.46
N VAL I 418 3.83 -13.25 13.00
CA VAL I 418 3.99 -12.62 11.69
C VAL I 418 4.18 -13.63 10.57
N ILE I 419 5.17 -14.50 10.70
CA ILE I 419 5.45 -15.48 9.64
C ILE I 419 4.35 -16.54 9.51
N THR I 420 3.59 -16.74 10.60
CA THR I 420 2.44 -17.64 10.56
C THR I 420 1.34 -17.08 9.64
N LEU I 421 1.21 -15.76 9.62
CA LEU I 421 0.30 -15.08 8.70
C LEU I 421 0.87 -15.18 7.29
N CYS I 422 2.14 -14.78 7.14
CA CYS I 422 2.82 -14.85 5.86
C CYS I 422 2.52 -16.15 5.11
N VAL I 423 2.74 -17.28 5.78
CA VAL I 423 2.58 -18.59 5.12
C VAL I 423 1.11 -19.03 5.04
N GLU I 424 0.27 -18.45 5.88
CA GLU I 424 -1.18 -18.64 5.77
C GLU I 424 -1.62 -18.01 4.46
N LYS I 425 -0.98 -16.89 4.12
CA LYS I 425 -1.22 -16.17 2.88
C LYS I 425 -0.27 -16.61 1.75
N ARG I 426 0.26 -17.83 1.87
CA ARG I 426 1.08 -18.48 0.83
C ARG I 426 2.48 -17.88 0.58
N GLY I 427 3.00 -17.18 1.59
CA GLY I 427 4.31 -16.53 1.47
C GLY I 427 5.51 -17.47 1.49
N VAL I 428 6.59 -17.04 0.84
CA VAL I 428 7.87 -17.75 0.86
C VAL I 428 8.95 -16.81 1.39
N GLN I 429 9.68 -17.25 2.42
CA GLN I 429 10.74 -16.43 3.01
C GLN I 429 11.96 -16.32 2.11
N THR I 430 12.40 -15.09 1.88
CA THR I 430 13.49 -14.79 0.98
C THR I 430 14.78 -14.45 1.72
N ASN I 431 14.63 -13.82 2.90
CA ASN I 431 15.77 -13.34 3.69
C ASN I 431 15.33 -12.90 5.10
N MET I 432 16.28 -12.95 6.05
CA MET I 432 16.03 -12.51 7.41
C MET I 432 17.30 -11.97 8.07
N VAL I 433 17.21 -10.72 8.57
CA VAL I 433 18.36 -10.05 9.20
C VAL I 433 18.00 -9.48 10.56
N TYR I 434 18.95 -9.58 11.50
CA TYR I 434 18.76 -9.09 12.86
C TYR I 434 19.42 -7.71 13.07
N HIS I 435 18.69 -6.82 13.73
CA HIS I 435 19.18 -5.49 14.09
C HIS I 435 18.78 -5.18 15.54
N GLY I 436 19.67 -5.51 16.48
CA GLY I 436 19.33 -5.42 17.89
C GLY I 436 18.14 -6.32 18.18
N ASN I 437 17.15 -5.81 18.92
CA ASN I 437 15.92 -6.56 19.15
C ASN I 437 14.85 -6.27 18.09
N GLN I 438 15.30 -6.00 16.87
CA GLN I 438 14.42 -5.75 15.73
C GLN I 438 14.83 -6.66 14.55
N VAL I 439 13.82 -7.28 13.93
CA VAL I 439 14.05 -8.23 12.84
C VAL I 439 13.62 -7.66 11.49
N ALA I 440 14.49 -7.79 10.49
CA ALA I 440 14.16 -7.40 9.11
C ALA I 440 13.75 -8.62 8.29
N LEU I 441 12.45 -8.74 8.02
CA LEU I 441 11.90 -9.87 7.27
C LEU I 441 11.62 -9.53 5.82
N THR I 442 12.08 -10.36 4.91
CA THR I 442 11.72 -10.22 3.51
C THR I 442 11.07 -11.50 2.95
N TYR I 443 9.81 -11.36 2.56
CA TYR I 443 8.95 -12.48 2.14
C TYR I 443 8.41 -12.27 0.73
N GLU I 444 8.24 -13.36 0.00
CA GLU I 444 7.58 -13.30 -1.30
C GLU I 444 6.17 -13.86 -1.21
N ILE I 445 5.20 -12.95 -1.31
CA ILE I 445 3.79 -13.27 -1.13
C ILE I 445 3.03 -12.93 -2.40
N PRO I 446 2.12 -13.83 -2.85
CA PRO I 446 1.22 -13.54 -3.97
C PRO I 446 0.49 -12.20 -3.78
N MET I 447 0.54 -11.35 -4.80
CA MET I 447 -0.05 -10.01 -4.75
C MET I 447 -1.57 -10.08 -4.55
N ALA I 448 -2.20 -11.07 -5.18
CA ALA I 448 -3.64 -11.34 -5.01
C ALA I 448 -4.01 -11.42 -3.55
N GLU I 449 -3.06 -11.86 -2.73
CA GLU I 449 -3.26 -12.03 -1.30
C GLU I 449 -2.82 -10.81 -0.47
N VAL I 450 -1.82 -10.07 -0.95
CA VAL I 450 -1.36 -8.85 -0.28
C VAL I 450 -2.43 -7.75 -0.36
N VAL I 451 -3.19 -7.76 -1.46
CA VAL I 451 -4.19 -6.74 -1.75
C VAL I 451 -5.50 -7.04 -1.01
N LEU I 452 -5.88 -8.32 -0.96
CA LEU I 452 -6.98 -8.78 -0.12
C LEU I 452 -6.53 -8.60 1.32
N ASP I 453 -7.17 -7.65 2.02
CA ASP I 453 -6.63 -7.12 3.27
C ASP I 453 -5.83 -8.12 4.12
N PHE I 454 -4.52 -7.92 4.11
CA PHE I 454 -3.53 -8.71 4.82
C PHE I 454 -2.72 -7.73 5.66
N PHE I 455 -2.57 -6.52 5.10
CA PHE I 455 -1.92 -5.39 5.77
C PHE I 455 -2.53 -5.13 7.16
N ASP I 456 -3.85 -5.18 7.25
CA ASP I 456 -4.56 -5.04 8.53
C ASP I 456 -4.24 -6.19 9.49
N ARG I 457 -4.16 -7.40 8.93
CA ARG I 457 -3.96 -8.61 9.71
C ARG I 457 -2.53 -8.73 10.25
N LEU I 458 -1.58 -8.13 9.53
CA LEU I 458 -0.21 -8.01 10.03
C LEU I 458 -0.14 -6.95 11.12
N LYS I 459 -0.86 -5.85 10.89
CA LYS I 459 -0.90 -4.72 11.82
C LYS I 459 -1.62 -5.07 13.12
N SER I 460 -2.58 -6.00 13.03
CA SER I 460 -3.25 -6.49 14.22
C SER I 460 -2.37 -7.50 14.96
N THR I 461 -1.84 -8.48 14.22
CA THR I 461 -1.05 -9.57 14.82
C THR I 461 0.27 -9.11 15.45
N SER I 462 0.69 -7.88 15.15
CA SER I 462 1.89 -7.29 15.74
C SER I 462 1.57 -6.02 16.52
N ARG I 463 0.28 -5.77 16.73
CA ARG I 463 -0.22 -4.52 17.31
C ARG I 463 0.52 -3.28 16.80
N GLY I 464 0.58 -3.15 15.48
CA GLY I 464 1.09 -1.96 14.82
C GLY I 464 2.59 -1.70 14.94
N TYR I 465 3.37 -2.76 15.15
CA TYR I 465 4.82 -2.61 15.21
C TYR I 465 5.54 -3.15 13.97
N ALA I 466 4.79 -3.84 13.10
CA ALA I 466 5.34 -4.34 11.85
C ALA I 466 5.06 -3.39 10.69
N SER I 467 6.13 -3.01 9.97
CA SER I 467 6.03 -2.02 8.89
C SER I 467 6.30 -2.60 7.49
N LEU I 468 5.25 -2.64 6.68
CA LEU I 468 5.23 -3.29 5.38
C LEU I 468 5.70 -2.38 4.23
N ASP I 469 6.48 -2.95 3.30
CA ASP I 469 6.80 -2.31 2.03
C ASP I 469 6.91 -3.36 0.92
N TYR I 470 5.97 -3.33 -0.02
CA TYR I 470 5.91 -4.35 -1.07
C TYR I 470 6.00 -3.79 -2.48
N ASN I 471 6.66 -4.55 -3.36
CA ASN I 471 6.75 -4.21 -4.79
C ASN I 471 6.62 -5.47 -5.64
N PHE I 472 6.20 -5.31 -6.90
CA PHE I 472 6.11 -6.43 -7.84
C PHE I 472 7.48 -7.04 -8.08
N LYS I 473 7.53 -8.35 -8.19
CA LYS I 473 8.79 -9.09 -8.26
C LYS I 473 8.83 -10.01 -9.48
N ARG I 474 7.72 -10.67 -9.78
CA ARG I 474 7.70 -11.77 -10.73
C ARG I 474 6.27 -12.23 -10.95
N PHE I 475 6.04 -12.92 -12.06
CA PHE I 475 4.86 -13.75 -12.18
C PHE I 475 5.31 -15.17 -11.91
N GLN I 476 4.42 -16.01 -11.40
CA GLN I 476 4.75 -17.42 -11.13
C GLN I 476 3.57 -18.35 -11.31
N ALA I 477 3.63 -19.58 -11.15
CA ALA I 477 2.42 -20.35 -11.31
C ALA I 477 1.65 -20.26 -10.01
N SER I 478 0.33 -19.95 -10.11
CA SER I 478 -0.57 -19.57 -9.04
C SER I 478 -0.70 -20.55 -7.90
N ASP I 479 -1.11 -21.80 -8.15
CA ASP I 479 -1.26 -22.77 -7.09
C ASP I 479 -2.44 -22.50 -6.16
N MET I 480 -3.52 -21.85 -6.65
CA MET I 480 -4.78 -21.67 -5.97
C MET I 480 -5.75 -22.12 -7.03
N VAL I 481 -7.04 -22.78 -6.53
CA VAL I 481 -7.79 -23.38 -7.60
C VAL I 481 -9.21 -22.88 -7.67
N ARG I 482 -9.71 -22.83 -8.92
CA ARG I 482 -10.97 -22.20 -9.25
C ARG I 482 -11.97 -23.30 -9.44
N VAL I 483 -13.05 -23.20 -8.60
CA VAL I 483 -14.08 -24.19 -8.40
C VAL I 483 -15.41 -23.61 -8.74
N ASP I 484 -15.98 -24.18 -9.81
CA ASP I 484 -17.23 -23.68 -10.22
C ASP I 484 -18.28 -24.43 -9.55
N VAL I 485 -19.48 -23.95 -9.83
CA VAL I 485 -20.59 -24.68 -9.38
C VAL I 485 -21.43 -24.66 -10.57
N LEU I 486 -21.95 -25.81 -11.01
CA LEU I 486 -23.12 -25.59 -11.79
C LEU I 486 -24.31 -26.20 -11.11
N ILE I 487 -25.36 -25.39 -10.82
CA ILE I 487 -26.61 -25.99 -10.40
C ILE I 487 -27.58 -25.84 -11.59
N ASN I 488 -28.83 -26.43 -11.58
CA ASN I 488 -29.37 -27.52 -12.39
C ASN I 488 -28.85 -27.55 -13.77
N GLY I 489 -27.57 -27.85 -13.88
CA GLY I 489 -26.96 -27.76 -15.15
C GLY I 489 -26.38 -26.38 -15.31
N GLU I 490 -27.18 -25.28 -15.13
CA GLU I 490 -26.71 -23.93 -15.43
C GLU I 490 -25.58 -23.40 -14.54
N ARG I 491 -24.53 -22.83 -15.19
CA ARG I 491 -23.49 -22.07 -14.54
C ARG I 491 -24.13 -21.01 -13.73
N VAL I 492 -23.82 -20.99 -12.42
CA VAL I 492 -24.04 -19.89 -11.46
C VAL I 492 -22.71 -19.23 -11.08
N ASP I 493 -22.35 -18.20 -11.83
CA ASP I 493 -21.11 -17.46 -11.60
C ASP I 493 -21.00 -16.87 -10.20
N ALA I 494 -22.09 -16.28 -9.72
CA ALA I 494 -22.15 -15.63 -8.40
C ALA I 494 -21.68 -16.53 -7.26
N LEU I 495 -21.70 -17.83 -7.50
CA LEU I 495 -21.44 -18.83 -6.47
C LEU I 495 -20.02 -19.38 -6.58
N ALA I 496 -19.31 -18.97 -7.63
CA ALA I 496 -17.96 -19.44 -7.90
C ALA I 496 -16.98 -18.94 -6.86
N LEU I 497 -15.94 -19.73 -6.60
CA LEU I 497 -14.89 -19.29 -5.68
C LEU I 497 -13.48 -19.60 -6.15
N ILE I 498 -12.52 -18.87 -5.60
CA ILE I 498 -11.10 -19.15 -5.78
C ILE I 498 -10.57 -19.58 -4.41
N THR I 499 -9.99 -20.78 -4.36
CA THR I 499 -9.51 -21.35 -3.11
C THR I 499 -8.21 -22.11 -3.35
N HIS I 500 -7.47 -22.35 -2.27
CA HIS I 500 -6.20 -23.09 -2.37
C HIS I 500 -6.43 -24.55 -2.73
N ARG I 501 -5.53 -25.10 -3.55
CA ARG I 501 -5.60 -26.49 -3.99
C ARG I 501 -5.92 -27.52 -2.91
N ASP I 502 -5.17 -27.47 -1.81
CA ASP I 502 -5.16 -28.54 -0.81
C ASP I 502 -6.53 -28.88 -0.22
N ASN I 503 -7.42 -27.90 -0.15
CA ASN I 503 -8.78 -28.17 0.31
C ASN I 503 -9.87 -27.63 -0.63
N SER I 504 -9.56 -27.66 -1.93
CA SER I 504 -10.50 -27.25 -2.96
C SER I 504 -11.62 -28.27 -3.11
N GLN I 505 -11.24 -29.54 -2.99
CA GLN I 505 -12.19 -30.65 -2.88
C GLN I 505 -13.09 -30.39 -1.69
N ASN I 506 -12.48 -30.07 -0.56
CA ASN I 506 -13.18 -29.87 0.68
C ASN I 506 -14.10 -28.66 0.64
N ARG I 507 -13.62 -27.58 0.04
CA ARG I 507 -14.39 -26.35 -0.11
C ARG I 507 -15.57 -26.53 -1.08
N GLY I 508 -15.41 -27.43 -2.05
CA GLY I 508 -16.47 -27.79 -2.97
C GLY I 508 -17.61 -28.49 -2.27
N ARG I 509 -17.27 -29.41 -1.37
CA ARG I 509 -18.25 -30.16 -0.60
C ARG I 509 -19.09 -29.21 0.26
N GLU I 510 -18.42 -28.26 0.91
CA GLU I 510 -19.07 -27.27 1.75
C GLU I 510 -20.00 -26.34 0.97
N LEU I 511 -19.62 -26.01 -0.26
CA LEU I 511 -20.42 -25.14 -1.11
C LEU I 511 -21.71 -25.84 -1.52
N VAL I 512 -21.64 -27.14 -1.75
CA VAL I 512 -22.83 -27.93 -2.11
C VAL I 512 -23.79 -28.05 -0.90
N GLU I 513 -23.24 -28.29 0.29
CA GLU I 513 -24.04 -28.35 1.52
C GLU I 513 -24.74 -27.03 1.82
N LYS I 514 -24.00 -25.93 1.71
CA LYS I 514 -24.56 -24.59 1.87
C LYS I 514 -25.76 -24.40 0.94
N MET I 515 -25.64 -24.83 -0.30
CA MET I 515 -26.75 -24.78 -1.26
C MET I 515 -27.92 -25.65 -0.84
N LYS I 516 -27.66 -26.91 -0.49
CA LYS I 516 -28.69 -27.86 -0.04
C LYS I 516 -29.56 -27.32 1.10
N ASP I 517 -28.98 -26.44 1.92
CA ASP I 517 -29.71 -25.79 3.01
C ASP I 517 -30.63 -24.70 2.49
N LEU I 518 -30.24 -24.04 1.41
CA LEU I 518 -31.00 -22.92 0.88
C LEU I 518 -32.03 -23.35 -0.17
N ILE I 519 -31.97 -24.62 -0.58
CA ILE I 519 -32.86 -25.16 -1.61
C ILE I 519 -33.60 -26.41 -1.11
N PRO I 520 -34.91 -26.25 -0.77
CA PRO I 520 -35.73 -27.34 -0.23
C PRO I 520 -36.10 -28.34 -1.30
N ARG I 521 -36.62 -29.50 -0.90
CA ARG I 521 -37.15 -30.47 -1.85
C ARG I 521 -38.42 -29.86 -2.44
N GLN I 522 -38.41 -29.64 -3.76
CA GLN I 522 -39.47 -28.88 -4.43
C GLN I 522 -40.22 -29.71 -5.47
N GLN I 523 -40.56 -29.07 -6.59
CA GLN I 523 -41.32 -29.70 -7.66
C GLN I 523 -40.49 -30.67 -8.49
N PHE I 524 -39.31 -30.22 -8.93
CA PHE I 524 -38.42 -31.04 -9.77
C PHE I 524 -37.12 -31.31 -9.06
N ASP I 525 -36.50 -32.45 -9.37
CA ASP I 525 -35.13 -32.74 -8.94
C ASP I 525 -34.21 -31.56 -9.26
N ILE I 526 -33.44 -31.13 -8.28
CA ILE I 526 -32.46 -30.06 -8.49
C ILE I 526 -31.06 -30.58 -8.20
N ALA I 527 -30.21 -30.56 -9.23
CA ALA I 527 -28.84 -31.07 -9.12
C ALA I 527 -27.86 -29.93 -8.86
N ILE I 528 -27.15 -30.01 -7.74
CA ILE I 528 -26.14 -29.02 -7.39
C ILE I 528 -24.76 -29.66 -7.46
N GLN I 529 -23.85 -29.04 -8.23
CA GLN I 529 -22.51 -29.56 -8.37
C GLN I 529 -21.42 -28.50 -8.36
N ALA I 530 -20.32 -28.83 -7.70
CA ALA I 530 -19.10 -28.04 -7.74
C ALA I 530 -18.10 -28.72 -8.68
N ALA I 531 -17.30 -27.93 -9.38
CA ALA I 531 -16.39 -28.46 -10.39
C ALA I 531 -15.13 -27.63 -10.60
N ILE I 532 -14.05 -28.30 -10.98
CA ILE I 532 -12.87 -27.63 -11.50
C ILE I 532 -12.70 -28.06 -12.96
N GLY I 533 -12.90 -27.12 -13.88
CA GLY I 533 -12.86 -27.40 -15.33
C GLY I 533 -13.95 -28.35 -15.76
N THR I 534 -13.56 -29.40 -16.48
CA THR I 534 -14.45 -30.49 -16.88
C THR I 534 -14.89 -31.32 -15.66
N HIS I 535 -14.01 -31.40 -14.67
CA HIS I 535 -14.15 -32.38 -13.59
C HIS I 535 -15.06 -31.97 -12.44
N ILE I 536 -16.10 -32.76 -12.25
CA ILE I 536 -17.00 -32.65 -11.09
C ILE I 536 -16.30 -33.15 -9.83
N ILE I 537 -16.27 -32.31 -8.81
CA ILE I 537 -15.60 -32.62 -7.55
C ILE I 537 -16.58 -32.84 -6.39
N ALA I 538 -17.79 -32.34 -6.53
CA ALA I 538 -18.88 -32.60 -5.59
C ALA I 538 -20.22 -32.40 -6.26
N ARG I 539 -21.09 -33.40 -6.17
CA ARG I 539 -22.45 -33.27 -6.68
C ARG I 539 -23.44 -33.78 -5.64
N SER I 540 -24.54 -33.05 -5.48
CA SER I 540 -25.64 -33.51 -4.64
C SER I 540 -26.95 -33.07 -5.28
N THR I 541 -27.95 -33.95 -5.22
CA THR I 541 -29.17 -33.73 -5.97
C THR I 541 -30.41 -33.72 -5.08
N VAL I 542 -30.95 -32.51 -4.89
CA VAL I 542 -32.14 -32.29 -4.04
C VAL I 542 -33.38 -32.98 -4.63
N LYS I 543 -33.71 -34.14 -4.07
CA LYS I 543 -34.81 -34.98 -4.59
C LYS I 543 -36.14 -34.24 -4.57
N GLN I 544 -36.94 -34.46 -5.62
CA GLN I 544 -38.22 -33.80 -5.74
C GLN I 544 -39.22 -34.33 -4.71
N LEU I 545 -40.20 -33.49 -4.39
CA LEU I 545 -41.30 -33.86 -3.51
C LEU I 545 -42.24 -34.79 -4.22
N ALA J 1 -52.40 19.97 -59.01
CA ALA J 1 -53.81 19.74 -58.59
C ALA J 1 -54.67 20.97 -58.87
N THR J 2 -55.82 21.04 -58.23
CA THR J 2 -56.73 22.16 -58.39
C THR J 2 -56.58 23.17 -57.26
N VAL J 3 -56.52 24.45 -57.61
CA VAL J 3 -56.37 25.52 -56.62
C VAL J 3 -57.28 25.29 -55.42
N ASN J 4 -58.58 25.23 -55.67
CA ASN J 4 -59.55 25.02 -54.60
C ASN J 4 -59.28 23.70 -53.88
N GLN J 5 -58.86 22.69 -54.65
CA GLN J 5 -58.55 21.39 -54.08
C GLN J 5 -57.47 21.53 -53.02
N LEU J 6 -56.77 22.66 -53.06
CA LEU J 6 -55.71 22.95 -52.11
C LEU J 6 -56.26 23.79 -50.96
N VAL J 7 -57.04 24.81 -51.32
CA VAL J 7 -57.65 25.69 -50.32
C VAL J 7 -58.24 24.90 -49.17
N ARG J 8 -58.64 23.66 -49.46
CA ARG J 8 -59.22 22.79 -48.42
C ARG J 8 -58.10 22.22 -47.55
N LYS J 9 -57.07 21.69 -48.20
CA LYS J 9 -55.93 21.11 -47.48
C LYS J 9 -54.63 21.33 -48.25
N PRO J 10 -54.03 22.52 -48.11
CA PRO J 10 -52.78 22.89 -48.78
C PRO J 10 -51.68 21.85 -48.60
N ARG J 11 -50.77 21.79 -49.57
CA ARG J 11 -49.66 20.84 -49.53
C ARG J 11 -48.98 20.91 -48.15
N ALA J 12 -48.23 19.87 -47.81
CA ALA J 12 -47.54 19.84 -46.52
C ALA J 12 -46.20 19.13 -46.63
N ARG J 13 -45.25 19.54 -45.79
CA ARG J 13 -43.91 18.94 -45.78
C ARG J 13 -43.89 17.64 -44.99
N LYS J 14 -43.12 16.68 -45.49
CA LYS J 14 -42.99 15.37 -44.84
C LYS J 14 -41.92 15.42 -43.75
N VAL J 15 -42.35 15.56 -42.50
CA VAL J 15 -41.43 15.62 -41.37
C VAL J 15 -40.35 14.55 -41.47
N ALA J 16 -39.13 14.99 -41.76
CA ALA J 16 -38.00 14.07 -41.88
C ALA J 16 -37.64 13.48 -40.52
N LYS J 17 -37.37 12.18 -40.51
CA LYS J 17 -37.00 11.49 -39.28
C LYS J 17 -35.51 11.65 -38.98
N SER J 18 -35.21 12.27 -37.84
CA SER J 18 -33.82 12.48 -37.44
C SER J 18 -33.13 11.14 -37.21
N ASN J 19 -32.31 10.73 -38.17
CA ASN J 19 -31.59 9.47 -38.07
C ASN J 19 -30.62 9.46 -36.90
N VAL J 20 -30.79 10.43 -36.01
CA VAL J 20 -29.95 10.55 -34.82
C VAL J 20 -30.81 10.95 -33.62
N PRO J 21 -31.42 9.96 -32.94
CA PRO J 21 -32.28 10.22 -31.78
C PRO J 21 -31.53 10.77 -30.57
N ALA J 22 -30.47 10.06 -30.16
CA ALA J 22 -29.66 10.49 -29.03
C ALA J 22 -28.88 11.74 -29.41
N LEU J 23 -29.58 12.68 -30.04
CA LEU J 23 -28.99 13.94 -30.49
C LEU J 23 -29.49 15.14 -29.69
N GLU J 24 -30.77 15.46 -29.83
CA GLU J 24 -31.36 16.59 -29.12
C GLU J 24 -30.55 17.87 -29.38
N ALA J 25 -30.29 18.14 -30.65
CA ALA J 25 -29.55 19.31 -31.09
C ALA J 25 -28.09 19.27 -30.65
N CYS J 26 -27.80 18.44 -29.65
CA CYS J 26 -26.43 18.31 -29.13
C CYS J 26 -25.53 17.58 -30.12
N PRO J 27 -24.50 18.27 -30.63
CA PRO J 27 -23.56 17.68 -31.59
C PRO J 27 -22.78 16.50 -31.00
N GLN J 28 -22.92 16.32 -29.70
CA GLN J 28 -22.24 15.24 -28.99
C GLN J 28 -22.58 15.26 -27.50
N LYS J 29 -22.50 14.09 -26.87
CA LYS J 29 -22.80 13.96 -25.45
C LYS J 29 -21.77 13.05 -24.79
N ARG J 30 -21.59 13.19 -23.48
CA ARG J 30 -20.63 12.36 -22.76
C ARG J 30 -21.16 10.93 -22.70
N GLY J 31 -20.58 10.09 -21.84
CA GLY J 31 -21.04 8.72 -21.75
C GLY J 31 -20.73 8.00 -20.44
N VAL J 32 -20.82 6.67 -20.47
CA VAL J 32 -20.57 5.84 -19.30
C VAL J 32 -19.95 4.50 -19.69
N CYS J 33 -20.33 4.00 -20.87
CA CYS J 33 -19.82 2.73 -21.37
C CYS J 33 -20.39 1.54 -20.58
N THR J 34 -21.60 1.11 -20.96
CA THR J 34 -22.24 -0.01 -20.31
C THR J 34 -21.39 -1.27 -20.50
N ARG J 35 -20.75 -1.37 -21.66
CA ARG J 35 -19.88 -2.51 -21.98
C ARG J 35 -19.35 -2.39 -23.40
N VAL J 36 -18.20 -3.03 -23.64
CA VAL J 36 -17.57 -3.02 -24.96
C VAL J 36 -17.39 -4.43 -25.48
N TYR J 37 -17.62 -4.63 -26.77
CA TYR J 37 -17.48 -5.95 -27.38
C TYR J 37 -16.87 -5.89 -28.77
N THR J 38 -16.91 -7.03 -29.47
CA THR J 38 -16.37 -7.14 -30.81
C THR J 38 -17.34 -7.96 -31.66
N THR J 39 -18.22 -7.27 -32.38
CA THR J 39 -19.21 -7.94 -33.23
C THR J 39 -18.70 -8.22 -34.63
N THR J 40 -19.59 -8.73 -35.48
CA THR J 40 -19.26 -9.05 -36.86
C THR J 40 -19.97 -8.07 -37.80
N PRO J 41 -19.44 -7.92 -39.03
CA PRO J 41 -20.02 -7.01 -40.03
C PRO J 41 -21.37 -7.48 -40.57
N LYS J 42 -21.83 -6.80 -41.62
CA LYS J 42 -23.11 -7.11 -42.25
C LYS J 42 -23.10 -8.49 -42.90
N LYS J 43 -23.16 -8.52 -44.22
CA LYS J 43 -23.16 -9.79 -44.94
C LYS J 43 -22.05 -9.88 -46.00
N PRO J 44 -21.84 -8.82 -46.79
CA PRO J 44 -20.79 -8.85 -47.81
C PRO J 44 -19.38 -8.77 -47.24
N ASN J 45 -19.27 -8.28 -46.00
CA ASN J 45 -17.96 -8.15 -45.37
C ASN J 45 -17.72 -9.20 -44.29
N SER J 46 -16.55 -9.09 -43.64
CA SER J 46 -16.17 -10.01 -42.57
C SER J 46 -15.37 -9.26 -41.52
N ALA J 47 -14.50 -9.97 -40.80
CA ALA J 47 -13.67 -9.37 -39.76
C ALA J 47 -14.52 -8.83 -38.61
N LEU J 48 -14.09 -9.11 -37.39
CA LEU J 48 -14.81 -8.67 -36.20
C LEU J 48 -14.43 -7.26 -35.76
N ARG J 49 -15.26 -6.28 -36.11
CA ARG J 49 -15.01 -4.89 -35.74
C ARG J 49 -15.25 -4.68 -34.25
N LYS J 50 -14.88 -3.51 -33.75
CA LYS J 50 -15.05 -3.18 -32.34
C LYS J 50 -16.17 -2.17 -32.13
N VAL J 51 -17.10 -2.51 -31.24
CA VAL J 51 -18.22 -1.65 -30.93
C VAL J 51 -18.34 -1.50 -29.42
N CYS J 52 -19.24 -0.65 -28.95
CA CYS J 52 -19.43 -0.45 -27.52
C CYS J 52 -20.79 0.15 -27.21
N ARG J 53 -21.34 -0.22 -26.06
CA ARG J 53 -22.65 0.27 -25.65
C ARG J 53 -22.47 1.25 -24.49
N VAL J 54 -22.30 2.53 -24.84
CA VAL J 54 -22.11 3.57 -23.85
C VAL J 54 -23.42 4.25 -23.46
N ARG J 55 -23.56 4.58 -22.18
CA ARG J 55 -24.76 5.23 -21.70
C ARG J 55 -24.56 6.74 -21.64
N LEU J 56 -25.38 7.47 -22.40
CA LEU J 56 -25.29 8.91 -22.46
C LEU J 56 -25.77 9.61 -21.19
N THR J 57 -25.41 10.88 -21.06
CA THR J 57 -25.77 11.68 -19.89
C THR J 57 -27.28 11.83 -19.73
N ASN J 58 -28.01 11.78 -20.84
CA ASN J 58 -29.46 11.92 -20.80
C ASN J 58 -30.15 10.56 -20.71
N GLY J 59 -29.42 9.57 -20.22
CA GLY J 59 -29.98 8.23 -20.07
C GLY J 59 -30.35 7.56 -21.39
N PHE J 60 -29.93 8.15 -22.50
CA PHE J 60 -30.23 7.59 -23.81
C PHE J 60 -29.17 6.57 -24.21
N GLU J 61 -28.97 5.55 -23.36
CA GLU J 61 -27.98 4.52 -23.63
C GLU J 61 -28.04 4.05 -25.08
N VAL J 62 -26.88 4.06 -25.74
CA VAL J 62 -26.79 3.65 -27.13
C VAL J 62 -25.44 2.96 -27.38
N THR J 63 -25.23 2.50 -28.61
CA THR J 63 -23.98 1.83 -28.96
C THR J 63 -23.19 2.63 -29.99
N SER J 64 -21.87 2.62 -29.84
CA SER J 64 -20.98 3.35 -30.73
C SER J 64 -19.83 2.48 -31.26
N TYR J 65 -19.14 2.98 -32.27
CA TYR J 65 -18.02 2.25 -32.86
C TYR J 65 -16.70 2.81 -32.31
N ILE J 66 -15.62 2.05 -32.51
CA ILE J 66 -14.31 2.46 -32.04
C ILE J 66 -13.32 2.47 -33.20
N GLY J 67 -13.36 3.52 -34.00
CA GLY J 67 -12.47 3.63 -35.14
C GLY J 67 -11.00 3.59 -34.75
N GLY J 68 -10.14 3.38 -35.75
CA GLY J 68 -8.71 3.32 -35.50
C GLY J 68 -8.26 1.98 -34.96
N GLU J 69 -6.95 1.72 -35.06
CA GLU J 69 -6.39 0.46 -34.59
C GLU J 69 -6.17 0.47 -33.08
N GLY J 70 -6.71 -0.54 -32.41
CA GLY J 70 -6.57 -0.63 -30.97
C GLY J 70 -7.32 0.44 -30.21
N HIS J 71 -7.48 0.24 -28.91
CA HIS J 71 -8.17 1.18 -28.04
C HIS J 71 -8.06 0.72 -26.59
N ASN J 72 -7.97 1.67 -25.68
CA ASN J 72 -7.85 1.35 -24.26
C ASN J 72 -9.22 1.28 -23.60
N LEU J 73 -10.26 1.57 -24.37
CA LEU J 73 -11.62 1.52 -23.84
C LEU J 73 -11.85 0.29 -22.98
N GLN J 74 -12.06 0.51 -21.70
CA GLN J 74 -12.28 -0.57 -20.76
C GLN J 74 -13.79 -0.79 -20.57
N GLU J 75 -14.27 -0.60 -19.35
CA GLU J 75 -15.69 -0.79 -19.07
C GLU J 75 -16.32 0.49 -18.52
N HIS J 76 -15.98 0.83 -17.29
CA HIS J 76 -16.51 2.04 -16.66
C HIS J 76 -15.92 3.29 -17.31
N SER J 77 -14.99 3.08 -18.23
CA SER J 77 -14.34 4.17 -18.95
C SER J 77 -15.36 5.03 -19.69
N VAL J 78 -15.44 6.31 -19.30
CA VAL J 78 -16.37 7.25 -19.92
C VAL J 78 -15.82 7.76 -21.25
N ILE J 79 -16.74 8.08 -22.17
CA ILE J 79 -16.35 8.61 -23.48
C ILE J 79 -17.33 9.66 -23.98
N LEU J 80 -16.94 10.34 -25.06
CA LEU J 80 -17.78 11.37 -25.66
C LEU J 80 -18.33 10.88 -27.00
N ILE J 81 -19.65 10.66 -27.04
CA ILE J 81 -20.29 10.19 -28.26
C ILE J 81 -20.15 11.23 -29.37
N ARG J 82 -19.88 10.77 -30.59
CA ARG J 82 -19.71 11.64 -31.74
C ARG J 82 -20.96 11.66 -32.61
N GLY J 83 -21.35 10.48 -33.07
CA GLY J 83 -22.51 10.35 -33.93
C GLY J 83 -22.08 9.58 -35.16
N GLY J 84 -22.78 9.78 -36.26
CA GLY J 84 -22.42 9.08 -37.48
C GLY J 84 -22.62 7.58 -37.33
N ARG J 85 -23.37 7.00 -38.26
CA ARG J 85 -23.65 5.58 -38.23
C ARG J 85 -22.57 4.77 -38.94
N VAL J 86 -22.89 3.50 -39.22
CA VAL J 86 -21.98 2.61 -39.92
C VAL J 86 -22.83 1.78 -40.88
N LYS J 87 -22.22 0.85 -41.59
CA LYS J 87 -22.96 0.01 -42.52
C LYS J 87 -23.02 -1.42 -42.01
N ASP J 88 -21.86 -2.05 -41.89
CA ASP J 88 -21.77 -3.42 -41.41
C ASP J 88 -22.35 -3.59 -40.01
N LEU J 89 -22.39 -2.49 -39.27
CA LEU J 89 -22.93 -2.50 -37.91
C LEU J 89 -24.35 -1.97 -37.86
N PRO J 90 -25.34 -2.86 -37.67
CA PRO J 90 -26.75 -2.48 -37.61
C PRO J 90 -27.10 -1.76 -36.31
N GLY J 91 -27.88 -0.68 -36.42
CA GLY J 91 -28.27 0.07 -35.24
C GLY J 91 -27.23 1.10 -34.84
N VAL J 92 -25.97 0.71 -34.83
CA VAL J 92 -24.88 1.61 -34.46
C VAL J 92 -24.93 2.89 -35.29
N ARG J 93 -25.56 3.92 -34.73
CA ARG J 93 -25.70 5.21 -35.40
C ARG J 93 -24.79 6.27 -34.77
N TYR J 94 -23.83 5.82 -33.96
CA TYR J 94 -22.92 6.75 -33.30
C TYR J 94 -21.50 6.21 -33.23
N HIS J 95 -20.53 7.12 -33.13
CA HIS J 95 -19.13 6.74 -33.06
C HIS J 95 -18.46 7.45 -31.87
N THR J 96 -17.47 6.79 -31.27
CA THR J 96 -16.77 7.37 -30.13
C THR J 96 -15.58 8.23 -30.56
N VAL J 97 -15.59 9.49 -30.15
CA VAL J 97 -14.52 10.41 -30.49
C VAL J 97 -13.26 9.99 -29.74
N ARG J 98 -12.22 9.62 -30.47
CA ARG J 98 -10.98 9.19 -29.85
C ARG J 98 -10.17 10.39 -29.36
N GLY J 99 -9.26 10.14 -28.43
CA GLY J 99 -8.45 11.21 -27.89
C GLY J 99 -9.29 12.26 -27.19
N ALA J 100 -10.16 11.82 -26.29
CA ALA J 100 -11.03 12.72 -25.55
C ALA J 100 -11.60 12.04 -24.30
N LEU J 101 -11.62 12.77 -23.19
CA LEU J 101 -12.13 12.24 -21.93
C LEU J 101 -11.30 11.07 -21.41
N ASP J 102 -11.72 9.85 -21.70
CA ASP J 102 -10.98 8.67 -21.24
C ASP J 102 -10.37 7.89 -22.39
N CYS J 103 -11.09 7.79 -23.50
CA CYS J 103 -10.60 7.06 -24.66
C CYS J 103 -9.40 7.76 -25.28
N SER J 104 -8.32 7.03 -25.47
CA SER J 104 -7.10 7.59 -26.06
C SER J 104 -7.15 7.48 -27.58
N GLY J 105 -6.43 8.38 -28.25
CA GLY J 105 -6.41 8.35 -29.71
C GLY J 105 -5.54 7.23 -30.24
N VAL J 106 -5.59 7.02 -31.55
CA VAL J 106 -4.81 5.99 -32.21
C VAL J 106 -3.34 6.05 -31.83
N LYS J 107 -2.60 4.99 -32.14
CA LYS J 107 -1.19 4.93 -31.83
C LYS J 107 -0.33 4.87 -33.09
N ASP J 108 0.66 5.75 -33.15
CA ASP J 108 1.57 5.81 -34.29
C ASP J 108 0.84 6.05 -35.62
N ARG J 109 -0.17 6.92 -35.59
CA ARG J 109 -0.92 7.26 -36.78
C ARG J 109 -0.43 8.60 -37.32
N LYS J 110 0.46 8.54 -38.30
CA LYS J 110 1.05 9.73 -38.90
C LYS J 110 0.32 10.12 -40.19
N GLN J 111 -1.00 10.22 -40.12
CA GLN J 111 -1.79 10.60 -41.29
C GLN J 111 -3.25 10.79 -40.90
N ALA J 112 -3.78 11.98 -41.18
CA ALA J 112 -5.18 12.30 -40.85
C ALA J 112 -5.35 12.17 -39.34
N ARG J 113 -4.38 12.70 -38.61
CA ARG J 113 -4.39 12.64 -37.15
C ARG J 113 -5.55 13.38 -36.49
N SER J 114 -6.19 14.28 -37.21
CA SER J 114 -7.33 15.02 -36.66
C SER J 114 -8.35 14.04 -36.12
N LYS J 115 -8.61 12.99 -36.90
CA LYS J 115 -9.55 11.96 -36.48
C LYS J 115 -8.84 11.17 -35.39
N TYR J 116 -9.55 10.22 -34.79
CA TYR J 116 -8.95 9.40 -33.74
C TYR J 116 -8.37 10.30 -32.65
N GLY J 117 -7.05 10.35 -32.56
CA GLY J 117 -6.39 11.18 -31.56
C GLY J 117 -4.89 11.03 -31.50
N VAL J 118 -4.17 11.96 -32.12
CA VAL J 118 -2.71 11.96 -32.14
C VAL J 118 -2.20 13.38 -32.37
N LYS J 119 -1.78 14.03 -31.29
CA LYS J 119 -1.28 15.39 -31.36
C LYS J 119 0.16 15.49 -31.84
N ARG J 120 0.34 15.70 -33.14
CA ARG J 120 1.65 15.82 -33.77
C ARG J 120 2.52 14.60 -33.50
N PRO J 121 3.30 14.17 -34.52
CA PRO J 121 4.18 13.00 -34.37
C PRO J 121 5.27 13.20 -33.33
N LYS J 122 6.22 14.08 -33.62
CA LYS J 122 7.33 14.34 -32.70
C LYS J 122 8.05 15.63 -33.08
N ALA J 123 7.57 16.28 -34.14
CA ALA J 123 8.17 17.53 -34.61
C ALA J 123 9.64 17.30 -34.98
N ALA K 1 38.60 -25.68 31.74
CA ALA K 1 39.58 -25.28 32.80
C ALA K 1 39.25 -23.90 33.34
N LYS K 2 38.62 -23.07 32.51
CA LYS K 2 38.25 -21.72 32.90
C LYS K 2 36.78 -21.64 33.29
N LYS K 3 35.95 -21.21 32.35
CA LYS K 3 34.52 -21.09 32.56
C LYS K 3 33.84 -20.58 31.30
N VAL K 4 32.56 -20.85 31.15
CA VAL K 4 31.81 -20.41 29.98
C VAL K 4 31.92 -18.89 29.89
N GLN K 5 31.62 -18.34 28.71
CA GLN K 5 31.70 -16.89 28.51
C GLN K 5 30.77 -16.47 27.39
N ALA K 6 30.56 -15.15 27.25
CA ALA K 6 29.69 -14.61 26.23
C ALA K 6 30.27 -14.85 24.83
N TYR K 7 29.61 -15.70 24.05
CA TYR K 7 30.06 -16.01 22.69
C TYR K 7 29.06 -16.86 21.93
N VAL K 8 29.20 -16.87 20.60
CA VAL K 8 28.32 -17.64 19.74
C VAL K 8 29.09 -18.71 18.98
N LYS K 9 28.44 -19.84 18.74
CA LYS K 9 29.07 -20.95 18.02
C LYS K 9 28.29 -21.26 16.74
N LEU K 10 29.02 -21.59 15.68
CA LEU K 10 28.40 -21.90 14.40
C LEU K 10 29.37 -22.59 13.45
N GLN K 11 28.83 -23.43 12.56
CA GLN K 11 29.65 -24.14 11.59
C GLN K 11 29.44 -23.53 10.20
N VAL K 12 30.46 -22.82 9.72
CA VAL K 12 30.39 -22.19 8.40
C VAL K 12 31.35 -22.85 7.42
N ALA K 13 30.99 -22.78 6.13
CA ALA K 13 31.80 -23.37 5.08
C ALA K 13 33.27 -22.95 5.19
N ALA K 14 34.15 -23.69 4.54
CA ALA K 14 35.57 -23.41 4.57
C ALA K 14 35.88 -22.00 4.08
N GLY K 15 35.97 -21.84 2.76
CA GLY K 15 36.27 -20.53 2.20
C GLY K 15 35.06 -19.81 1.63
N MET K 16 34.21 -19.30 2.51
CA MET K 16 33.02 -18.58 2.11
C MET K 16 32.20 -18.15 3.34
N ALA K 17 31.78 -16.88 3.36
CA ALA K 17 31.00 -16.36 4.46
C ALA K 17 30.42 -14.99 4.13
N ASN K 18 29.65 -14.45 5.08
CA ASN K 18 29.00 -13.14 4.98
C ASN K 18 27.51 -13.13 4.58
N PRO K 19 26.98 -14.25 4.04
CA PRO K 19 25.56 -14.22 3.69
C PRO K 19 24.66 -14.02 4.90
N SER K 20 23.61 -13.22 4.73
CA SER K 20 22.69 -12.92 5.82
C SER K 20 22.04 -14.16 6.44
N PRO K 21 21.35 -14.99 5.62
CA PRO K 21 20.72 -16.19 6.18
C PRO K 21 21.67 -17.09 6.97
N PRO K 22 22.76 -17.55 6.34
CA PRO K 22 23.71 -18.42 7.05
C PRO K 22 24.28 -17.75 8.30
N VAL K 23 25.01 -16.67 8.11
CA VAL K 23 25.61 -15.93 9.21
C VAL K 23 24.90 -14.58 9.41
N GLY K 24 25.64 -13.50 9.26
CA GLY K 24 25.06 -12.17 9.42
C GLY K 24 24.22 -12.02 10.67
N PRO K 25 22.89 -11.92 10.53
CA PRO K 25 21.96 -11.78 11.66
C PRO K 25 22.24 -12.74 12.81
N ALA K 26 22.75 -13.93 12.49
CA ALA K 26 23.05 -14.93 13.49
C ALA K 26 23.88 -14.32 14.63
N LEU K 27 25.11 -13.93 14.30
CA LEU K 27 26.01 -13.33 15.28
C LEU K 27 25.88 -11.81 15.25
N GLY K 28 25.22 -11.30 14.23
CA GLY K 28 25.03 -9.87 14.10
C GLY K 28 24.28 -9.26 15.26
N GLN K 29 23.37 -10.04 15.85
CA GLN K 29 22.58 -9.58 16.98
C GLN K 29 23.49 -9.25 18.16
N GLN K 30 24.52 -10.06 18.34
CA GLN K 30 25.48 -9.87 19.43
C GLN K 30 26.28 -8.58 19.23
N GLY K 31 26.26 -8.06 18.01
CA GLY K 31 27.00 -6.85 17.71
C GLY K 31 28.33 -7.17 17.08
N VAL K 32 28.39 -8.33 16.44
CA VAL K 32 29.61 -8.80 15.79
C VAL K 32 29.86 -8.07 14.47
N ASN K 33 31.13 -7.96 14.09
CA ASN K 33 31.50 -7.29 12.86
C ASN K 33 31.59 -8.32 11.73
N ILE K 34 30.46 -8.60 11.11
CA ILE K 34 30.38 -9.57 10.02
C ILE K 34 31.48 -9.38 8.99
N MET K 35 31.63 -8.16 8.49
CA MET K 35 32.65 -7.85 7.49
C MET K 35 34.03 -8.31 7.92
N GLU K 36 34.40 -8.02 9.16
CA GLU K 36 35.71 -8.41 9.67
C GLU K 36 35.85 -9.93 9.79
N PHE K 37 34.85 -10.57 10.37
CA PHE K 37 34.87 -12.02 10.55
C PHE K 37 34.94 -12.81 9.24
N CYS K 38 34.03 -12.50 8.32
CA CYS K 38 33.98 -13.19 7.04
C CYS K 38 35.35 -13.23 6.38
N LYS K 39 36.02 -12.08 6.34
CA LYS K 39 37.34 -11.99 5.73
C LYS K 39 38.42 -12.60 6.62
N ALA K 40 38.24 -12.47 7.93
CA ALA K 40 39.19 -13.01 8.89
C ALA K 40 39.14 -14.53 8.93
N PHE K 41 37.91 -15.07 8.92
CA PHE K 41 37.72 -16.52 8.96
C PHE K 41 38.30 -17.19 7.72
N ASN K 42 37.72 -16.89 6.57
CA ASN K 42 38.17 -17.47 5.31
C ASN K 42 39.68 -17.36 5.14
N ALA K 43 40.25 -16.32 5.74
CA ALA K 43 41.69 -16.08 5.66
C ALA K 43 42.51 -17.30 6.10
N LYS K 44 42.33 -17.71 7.34
CA LYS K 44 43.05 -18.86 7.89
C LYS K 44 42.41 -20.19 7.52
N THR K 45 41.12 -20.16 7.21
CA THR K 45 40.40 -21.38 6.86
C THR K 45 40.95 -22.00 5.57
N ASP K 46 41.35 -21.15 4.63
CA ASP K 46 41.89 -21.64 3.36
C ASP K 46 43.13 -22.49 3.60
N SER K 47 44.01 -22.00 4.47
CA SER K 47 45.23 -22.72 4.80
C SER K 47 44.92 -24.01 5.55
N ILE K 48 44.06 -23.92 6.55
CA ILE K 48 43.67 -25.08 7.34
C ILE K 48 43.11 -26.18 6.43
N GLU K 49 42.05 -25.86 5.70
CA GLU K 49 41.42 -26.80 4.79
C GLU K 49 40.17 -26.20 4.14
N LYS K 50 40.07 -26.35 2.82
CA LYS K 50 38.93 -25.82 2.08
C LYS K 50 38.00 -26.94 1.63
N GLY K 51 36.72 -26.60 1.48
CA GLY K 51 35.75 -27.59 1.04
C GLY K 51 35.09 -28.35 2.18
N LEU K 52 35.62 -28.19 3.38
CA LEU K 52 35.08 -28.88 4.54
C LEU K 52 34.51 -27.91 5.58
N PRO K 53 33.20 -28.00 5.85
CA PRO K 53 32.54 -27.13 6.83
C PRO K 53 33.21 -27.23 8.19
N ILE K 54 33.75 -26.11 8.68
CA ILE K 54 34.43 -26.09 9.97
C ILE K 54 33.70 -25.24 11.00
N PRO K 55 33.34 -25.83 12.15
CA PRO K 55 32.65 -25.12 13.23
C PRO K 55 33.60 -24.21 13.99
N VAL K 56 33.22 -22.94 14.13
CA VAL K 56 34.05 -21.97 14.84
C VAL K 56 33.28 -21.32 15.99
N VAL K 57 34.01 -20.98 17.05
CA VAL K 57 33.41 -20.34 18.21
C VAL K 57 33.81 -18.87 18.31
N ILE K 58 32.90 -17.99 17.91
CA ILE K 58 33.16 -16.55 17.95
C ILE K 58 32.91 -15.99 19.34
N THR K 59 33.95 -15.43 19.93
CA THR K 59 33.87 -14.85 21.28
C THR K 59 33.87 -13.32 21.21
N VAL K 60 32.70 -12.73 21.49
CA VAL K 60 32.57 -11.27 21.46
C VAL K 60 32.86 -10.67 22.83
N TYR K 61 33.43 -9.47 22.83
CA TYR K 61 33.77 -8.77 24.06
C TYR K 61 32.85 -7.58 24.28
N ALA K 62 33.05 -6.87 25.38
CA ALA K 62 32.24 -5.70 25.69
C ALA K 62 32.49 -4.63 24.63
N ASP K 63 33.70 -4.67 24.05
CA ASP K 63 34.08 -3.72 23.01
C ASP K 63 33.50 -4.22 21.70
N ARG K 64 32.43 -5.01 21.81
CA ARG K 64 31.75 -5.60 20.65
C ARG K 64 32.72 -6.21 19.65
N SER K 65 33.98 -6.35 20.07
CA SER K 65 35.01 -6.94 19.23
C SER K 65 34.87 -8.46 19.38
N PHE K 66 35.79 -9.22 18.80
CA PHE K 66 35.68 -10.67 18.93
C PHE K 66 36.91 -11.45 18.47
N THR K 67 36.93 -12.72 18.86
CA THR K 67 38.00 -13.64 18.51
C THR K 67 37.33 -14.96 18.19
N PHE K 68 38.08 -15.92 17.65
CA PHE K 68 37.51 -17.21 17.31
C PHE K 68 38.55 -18.31 17.15
N VAL K 69 38.21 -19.50 17.63
CA VAL K 69 39.10 -20.66 17.54
C VAL K 69 38.54 -21.64 16.54
N THR K 70 39.34 -21.98 15.53
CA THR K 70 38.94 -22.91 14.49
C THR K 70 39.30 -24.35 14.86
N LYS K 71 38.29 -25.28 14.56
CA LYS K 71 38.09 -26.82 14.70
C LYS K 71 37.60 -27.74 13.45
N THR K 72 36.64 -28.75 13.49
CA THR K 72 36.55 -30.03 12.59
C THR K 72 35.14 -30.74 12.12
N PRO K 73 35.03 -31.83 11.22
CA PRO K 73 33.84 -32.28 10.29
C PRO K 73 33.05 -33.75 10.21
N PRO K 74 32.16 -34.13 9.18
CA PRO K 74 31.08 -35.27 9.12
C PRO K 74 31.20 -36.65 8.29
N ALA K 75 30.12 -37.49 7.96
CA ALA K 75 30.15 -39.00 7.60
C ALA K 75 29.32 -39.81 6.47
N ALA K 76 27.98 -40.01 6.54
CA ALA K 76 26.98 -40.30 5.52
C ALA K 76 27.44 -39.83 4.14
N VAL K 77 27.99 -38.62 4.08
CA VAL K 77 28.46 -38.07 2.81
C VAL K 77 29.67 -38.84 2.27
N LEU K 78 30.56 -39.25 3.17
CA LEU K 78 31.74 -39.99 2.76
C LEU K 78 31.37 -41.36 2.21
N LEU K 79 30.29 -41.93 2.74
CA LEU K 79 29.83 -43.23 2.29
C LEU K 79 29.12 -43.10 0.95
N LYS K 80 28.48 -41.96 0.73
CA LYS K 80 27.77 -41.71 -0.52
C LYS K 80 28.75 -41.63 -1.68
N LYS K 81 29.86 -40.92 -1.48
CA LYS K 81 30.87 -40.79 -2.52
C LYS K 81 31.60 -42.11 -2.70
N ALA K 82 31.88 -42.77 -1.58
CA ALA K 82 32.57 -44.05 -1.60
C ALA K 82 31.73 -45.08 -2.33
N ALA K 83 30.41 -45.00 -2.15
CA ALA K 83 29.48 -45.92 -2.79
C ALA K 83 29.21 -45.47 -4.22
N GLY K 84 29.51 -44.21 -4.51
CA GLY K 84 29.28 -43.68 -5.84
C GLY K 84 27.85 -43.27 -6.07
N ILE K 85 27.06 -43.22 -5.00
CA ILE K 85 25.66 -42.84 -5.09
C ILE K 85 25.48 -41.38 -4.72
N LYS K 86 24.30 -40.83 -5.03
CA LYS K 86 24.00 -39.43 -4.74
C LYS K 86 23.19 -39.27 -3.46
N SER K 87 22.18 -40.11 -3.28
CA SER K 87 21.33 -40.03 -2.09
C SER K 87 21.30 -41.36 -1.34
N GLY K 88 20.58 -41.38 -0.22
CA GLY K 88 20.48 -42.58 0.59
C GLY K 88 19.59 -43.65 -0.01
N SER K 89 19.08 -44.52 0.84
CA SER K 89 18.21 -45.61 0.40
C SER K 89 16.72 -45.27 0.45
N GLY K 90 16.32 -44.42 1.39
CA GLY K 90 14.93 -44.06 1.50
C GLY K 90 14.24 -45.12 2.34
N LYS K 91 14.63 -46.37 2.14
CA LYS K 91 14.07 -47.50 2.87
C LYS K 91 15.23 -48.41 3.27
N PRO K 92 16.15 -47.90 4.10
CA PRO K 92 17.33 -48.63 4.59
C PRO K 92 17.08 -50.11 4.91
N ASN K 93 18.07 -50.94 4.63
CA ASN K 93 17.99 -52.38 4.87
C ASN K 93 17.00 -53.08 3.95
N LYS K 94 15.88 -52.42 3.67
CA LYS K 94 14.87 -53.00 2.79
C LYS K 94 15.43 -53.15 1.38
N ASP K 95 15.93 -52.04 0.84
CA ASP K 95 16.51 -52.03 -0.51
C ASP K 95 17.87 -51.36 -0.49
N LYS K 96 18.88 -52.07 -0.97
CA LYS K 96 20.24 -51.56 -0.99
C LYS K 96 20.51 -50.72 -2.24
N VAL K 97 20.96 -49.49 -2.02
CA VAL K 97 21.27 -48.57 -3.12
C VAL K 97 22.72 -48.71 -3.54
N GLY K 98 23.59 -49.06 -2.59
CA GLY K 98 25.00 -49.21 -2.90
C GLY K 98 25.72 -50.11 -1.90
N LYS K 99 27.01 -50.31 -2.11
CA LYS K 99 27.81 -51.15 -1.22
C LYS K 99 29.20 -50.55 -1.01
N ILE K 100 29.84 -50.94 0.09
CA ILE K 100 31.17 -50.45 0.42
C ILE K 100 32.05 -51.57 0.96
N SER K 101 33.27 -51.67 0.43
CA SER K 101 34.22 -52.68 0.88
C SER K 101 34.70 -52.31 2.27
N ARG K 102 34.97 -53.32 3.10
CA ARG K 102 35.44 -53.07 4.46
C ARG K 102 36.70 -52.19 4.44
N ALA K 103 37.43 -52.25 3.33
CA ALA K 103 38.64 -51.46 3.17
C ALA K 103 38.31 -49.98 3.21
N GLN K 104 37.29 -49.58 2.44
CA GLN K 104 36.87 -48.19 2.39
C GLN K 104 36.34 -47.73 3.74
N LEU K 105 35.59 -48.61 4.40
CA LEU K 105 35.04 -48.28 5.72
C LEU K 105 36.17 -47.84 6.62
N GLN K 106 37.29 -48.56 6.55
CA GLN K 106 38.45 -48.25 7.36
C GLN K 106 38.98 -46.88 6.95
N GLU K 107 39.09 -46.65 5.65
CA GLU K 107 39.58 -45.37 5.13
C GLU K 107 38.77 -44.23 5.71
N ILE K 108 37.45 -44.30 5.53
CA ILE K 108 36.55 -43.27 6.03
C ILE K 108 36.72 -43.13 7.55
N ALA K 109 36.98 -44.25 8.22
CA ALA K 109 37.17 -44.24 9.65
C ALA K 109 38.46 -43.50 10.00
N GLN K 110 39.43 -43.57 9.10
CA GLN K 110 40.72 -42.91 9.29
C GLN K 110 40.53 -41.40 9.16
N THR K 111 39.78 -41.00 8.14
CA THR K 111 39.52 -39.59 7.88
C THR K 111 38.79 -38.93 9.04
N LYS K 112 37.74 -39.58 9.53
CA LYS K 112 36.94 -39.07 10.63
C LYS K 112 37.55 -39.39 12.00
N ALA K 113 38.65 -40.13 12.01
CA ALA K 113 39.31 -40.51 13.24
C ALA K 113 39.48 -39.33 14.18
N ALA K 114 39.69 -38.14 13.60
CA ALA K 114 39.88 -36.93 14.39
C ALA K 114 38.64 -36.59 15.21
N ASP K 115 37.47 -36.70 14.59
CA ASP K 115 36.21 -36.38 15.26
C ASP K 115 35.64 -37.59 16.00
N MET K 116 36.10 -38.78 15.65
CA MET K 116 35.63 -40.00 16.28
C MET K 116 36.27 -40.21 17.65
N THR K 117 35.54 -40.87 18.54
CA THR K 117 36.04 -41.14 19.88
C THR K 117 36.61 -42.54 19.99
N GLY K 118 36.49 -43.31 18.91
CA GLY K 118 36.99 -44.66 18.89
C GLY K 118 38.42 -44.77 19.41
N ALA K 119 38.64 -45.74 20.30
CA ALA K 119 39.96 -45.95 20.88
C ALA K 119 40.91 -46.59 19.88
N ASP K 120 40.38 -47.50 19.06
CA ASP K 120 41.19 -48.20 18.06
C ASP K 120 40.55 -48.10 16.67
N ILE K 121 41.31 -48.53 15.67
CA ILE K 121 40.84 -48.48 14.28
C ILE K 121 39.61 -49.37 14.10
N GLU K 122 39.57 -50.51 14.79
CA GLU K 122 38.45 -51.42 14.69
C GLU K 122 37.18 -50.73 15.17
N ALA K 123 37.29 -50.03 16.29
CA ALA K 123 36.16 -49.32 16.89
C ALA K 123 35.56 -48.31 15.92
N MET K 124 36.38 -47.37 15.45
CA MET K 124 35.91 -46.34 14.53
C MET K 124 35.23 -46.96 13.30
N THR K 125 35.76 -48.08 12.84
CA THR K 125 35.19 -48.76 11.68
C THR K 125 33.78 -49.23 12.01
N ARG K 126 33.61 -49.76 13.21
CA ARG K 126 32.32 -50.26 13.66
C ARG K 126 31.31 -49.11 13.64
N SER K 127 31.74 -47.94 14.07
CA SER K 127 30.89 -46.76 14.10
C SER K 127 30.46 -46.36 12.70
N ILE K 128 31.42 -46.39 11.76
CA ILE K 128 31.15 -46.04 10.38
C ILE K 128 30.11 -47.00 9.81
N GLU K 129 30.15 -48.24 10.27
CA GLU K 129 29.21 -49.26 9.81
C GLU K 129 27.78 -48.87 10.18
N GLY K 130 27.62 -48.28 11.36
CA GLY K 130 26.30 -47.87 11.80
C GLY K 130 25.67 -46.86 10.88
N THR K 131 26.50 -45.98 10.31
CA THR K 131 26.02 -44.95 9.41
C THR K 131 25.56 -45.58 8.09
N ALA K 132 26.32 -46.59 7.64
CA ALA K 132 26.01 -47.29 6.40
C ALA K 132 24.69 -48.03 6.50
N ARG K 133 24.49 -48.74 7.60
CA ARG K 133 23.27 -49.50 7.84
C ARG K 133 22.03 -48.59 7.83
N SER K 134 22.23 -47.34 8.21
CA SER K 134 21.13 -46.38 8.28
C SER K 134 20.86 -45.70 6.93
N MET K 135 21.78 -45.82 5.99
CA MET K 135 21.61 -45.19 4.68
C MET K 135 21.45 -46.22 3.57
N GLY K 136 21.23 -47.48 3.96
CA GLY K 136 21.04 -48.53 2.98
C GLY K 136 22.28 -48.94 2.20
N LEU K 137 23.44 -48.84 2.84
CA LEU K 137 24.69 -49.22 2.19
C LEU K 137 25.34 -50.41 2.87
N VAL K 138 25.29 -51.56 2.20
CA VAL K 138 25.88 -52.79 2.75
C VAL K 138 27.39 -52.77 2.54
N VAL K 139 28.10 -53.52 3.38
CA VAL K 139 29.55 -53.59 3.30
C VAL K 139 30.03 -55.00 2.95
N GLU K 140 30.92 -55.09 1.97
CA GLU K 140 31.45 -56.38 1.54
C GLU K 140 32.80 -56.66 2.19
N ASP K 141 32.84 -57.68 3.03
CA ASP K 141 34.06 -58.06 3.73
C ASP K 141 34.52 -59.45 3.33
#